data_2EOQ
#
_entry.id   2EOQ
#
loop_
_entity.id
_entity.type
_entity.pdbx_description
1 polymer 'Zinc finger protein 224'
2 non-polymer 'ZINC ION'
#
_entity_poly.entity_id   1
_entity_poly.type   'polypeptide(L)'
_entity_poly.pdbx_seq_one_letter_code
;GSSGSSGTGEKPFKCDICGKSFCGRSRLNRHSMVHTAEKPSGPSSG
;
_entity_poly.pdbx_strand_id   A
#
loop_
_chem_comp.id
_chem_comp.type
_chem_comp.name
_chem_comp.formula
ZN non-polymer 'ZINC ION' 'Zn 2'
#
# COMPACT_ATOMS: atom_id res chain seq x y z
N GLY A 1 -4.49 3.67 -17.73
CA GLY A 1 -4.47 3.71 -16.28
C GLY A 1 -3.70 4.89 -15.73
N SER A 2 -4.31 5.61 -14.79
CA SER A 2 -3.66 6.77 -14.20
C SER A 2 -4.14 6.98 -12.75
N SER A 3 -3.47 7.88 -12.04
CA SER A 3 -3.82 8.16 -10.65
C SER A 3 -5.34 8.29 -10.49
N GLY A 4 -5.91 7.45 -9.62
CA GLY A 4 -7.33 7.48 -9.38
C GLY A 4 -7.68 7.85 -7.96
N SER A 5 -8.30 6.92 -7.23
CA SER A 5 -8.69 7.16 -5.85
C SER A 5 -9.70 8.30 -5.76
N SER A 6 -10.66 8.31 -6.68
CA SER A 6 -11.68 9.35 -6.71
C SER A 6 -12.97 8.85 -6.06
N GLY A 7 -13.53 9.67 -5.17
CA GLY A 7 -14.75 9.30 -4.49
C GLY A 7 -14.72 9.63 -3.01
N THR A 8 -15.65 10.48 -2.56
CA THR A 8 -15.71 10.88 -1.17
C THR A 8 -14.32 10.97 -0.55
N GLY A 9 -13.38 11.53 -1.32
CA GLY A 9 -12.02 11.67 -0.82
C GLY A 9 -11.24 10.37 -0.90
N GLU A 10 -10.35 10.16 0.07
CA GLU A 10 -9.54 8.96 0.11
C GLU A 10 -10.18 7.89 0.99
N LYS A 11 -9.51 6.75 1.13
CA LYS A 11 -10.02 5.66 1.95
C LYS A 11 -9.80 5.94 3.43
N PRO A 12 -10.59 5.28 4.28
CA PRO A 12 -10.49 5.44 5.73
C PRO A 12 -9.20 4.85 6.31
N PHE A 13 -8.34 4.38 5.42
CA PHE A 13 -7.07 3.79 5.84
C PHE A 13 -5.94 4.20 4.90
N LYS A 14 -4.70 3.98 5.32
CA LYS A 14 -3.53 4.33 4.52
C LYS A 14 -2.32 3.53 4.96
N CYS A 15 -1.42 3.26 4.01
CA CYS A 15 -0.21 2.50 4.29
C CYS A 15 0.85 3.38 4.93
N ASP A 16 1.95 2.77 5.35
CA ASP A 16 3.04 3.50 5.98
C ASP A 16 4.33 3.38 5.16
N ILE A 17 4.40 2.34 4.33
CA ILE A 17 5.57 2.13 3.48
C ILE A 17 5.41 2.83 2.14
N CYS A 18 4.26 2.65 1.51
CA CYS A 18 3.99 3.27 0.22
C CYS A 18 2.79 4.20 0.31
N GLY A 19 2.15 4.24 1.48
CA GLY A 19 1.00 5.10 1.68
C GLY A 19 -0.24 4.56 1.01
N LYS A 20 -0.17 3.32 0.53
CA LYS A 20 -1.30 2.68 -0.13
C LYS A 20 -2.54 2.72 0.77
N SER A 21 -3.68 3.06 0.17
CA SER A 21 -4.94 3.13 0.91
C SER A 21 -5.76 1.87 0.71
N PHE A 22 -6.65 1.59 1.66
CA PHE A 22 -7.50 0.42 1.59
C PHE A 22 -8.83 0.66 2.30
N CYS A 23 -9.92 0.58 1.54
CA CYS A 23 -11.26 0.79 2.08
C CYS A 23 -11.44 0.02 3.39
N GLY A 24 -10.76 -1.11 3.50
CA GLY A 24 -10.87 -1.93 4.71
C GLY A 24 -9.52 -2.40 5.19
N ARG A 25 -9.21 -2.12 6.45
CA ARG A 25 -7.94 -2.52 7.05
C ARG A 25 -7.65 -3.99 6.77
N SER A 26 -8.67 -4.83 6.96
CA SER A 26 -8.52 -6.26 6.73
C SER A 26 -7.60 -6.54 5.55
N ARG A 27 -7.60 -5.62 4.59
CA ARG A 27 -6.76 -5.77 3.41
C ARG A 27 -5.40 -5.10 3.61
N LEU A 28 -5.42 -3.82 3.97
CA LEU A 28 -4.20 -3.07 4.20
C LEU A 28 -3.26 -3.84 5.12
N ASN A 29 -3.75 -4.16 6.32
CA ASN A 29 -2.96 -4.89 7.30
C ASN A 29 -2.08 -5.94 6.61
N ARG A 30 -2.71 -6.79 5.81
CA ARG A 30 -1.98 -7.84 5.09
C ARG A 30 -0.99 -7.24 4.11
N HIS A 31 -1.41 -6.17 3.43
CA HIS A 31 -0.56 -5.50 2.45
C HIS A 31 0.76 -5.05 3.09
N SER A 32 0.67 -4.55 4.32
CA SER A 32 1.85 -4.09 5.04
C SER A 32 2.84 -5.22 5.25
N MET A 33 2.38 -6.45 5.04
CA MET A 33 3.24 -7.62 5.20
C MET A 33 4.00 -7.91 3.91
N VAL A 34 3.44 -7.50 2.79
CA VAL A 34 4.07 -7.73 1.48
C VAL A 34 5.33 -6.88 1.35
N HIS A 35 5.43 -5.83 2.14
CA HIS A 35 6.58 -4.93 2.10
C HIS A 35 7.80 -5.60 2.73
N THR A 36 7.55 -6.56 3.60
CA THR A 36 8.63 -7.29 4.27
C THR A 36 8.77 -8.71 3.75
N ALA A 37 8.37 -8.91 2.49
CA ALA A 37 8.43 -10.22 1.87
C ALA A 37 9.73 -10.39 1.10
N GLU A 38 10.80 -10.79 1.80
CA GLU A 38 12.10 -10.98 1.17
C GLU A 38 12.85 -12.12 1.85
N LYS A 39 13.28 -13.10 1.04
CA LYS A 39 14.02 -14.24 1.56
C LYS A 39 15.52 -14.01 1.46
N PRO A 40 16.29 -14.67 2.34
CA PRO A 40 17.75 -14.56 2.38
C PRO A 40 18.40 -15.21 1.17
N SER A 41 17.75 -16.24 0.63
CA SER A 41 18.27 -16.95 -0.52
C SER A 41 18.66 -15.99 -1.64
N GLY A 42 17.74 -15.09 -1.97
CA GLY A 42 18.01 -14.12 -3.02
C GLY A 42 18.88 -12.98 -2.56
N PRO A 43 19.62 -12.37 -3.48
CA PRO A 43 20.52 -11.25 -3.18
C PRO A 43 19.75 -9.98 -2.82
N SER A 44 20.49 -8.95 -2.40
CA SER A 44 19.89 -7.68 -2.02
C SER A 44 20.42 -6.54 -2.89
N SER A 45 19.85 -5.35 -2.69
CA SER A 45 20.27 -4.18 -3.46
C SER A 45 21.06 -3.21 -2.59
N GLY A 46 22.22 -2.79 -3.08
CA GLY A 46 23.05 -1.87 -2.34
C GLY A 46 22.36 -0.54 -2.07
ZN ZN B . 2.22 -0.29 1.15
N GLY A 1 3.02 0.96 -16.48
CA GLY A 1 1.62 1.28 -16.28
C GLY A 1 1.23 2.61 -16.91
N SER A 2 0.04 2.68 -17.48
CA SER A 2 -0.44 3.90 -18.12
C SER A 2 -1.36 4.67 -17.18
N SER A 3 -0.80 5.69 -16.53
CA SER A 3 -1.57 6.51 -15.60
C SER A 3 -1.04 7.94 -15.57
N GLY A 4 -1.82 8.85 -15.01
CA GLY A 4 -1.41 10.23 -14.92
C GLY A 4 -1.43 10.76 -13.50
N SER A 5 -2.27 11.76 -13.25
CA SER A 5 -2.38 12.36 -11.92
C SER A 5 -3.83 12.69 -11.59
N SER A 6 -4.43 11.90 -10.70
CA SER A 6 -5.81 12.11 -10.30
C SER A 6 -5.98 11.90 -8.80
N GLY A 7 -6.54 12.90 -8.13
CA GLY A 7 -6.75 12.81 -6.69
C GLY A 7 -8.17 13.16 -6.29
N THR A 8 -8.90 12.19 -5.76
CA THR A 8 -10.27 12.40 -5.33
C THR A 8 -10.76 11.25 -4.45
N GLY A 9 -11.43 11.61 -3.36
CA GLY A 9 -11.94 10.59 -2.45
C GLY A 9 -10.84 9.71 -1.88
N GLU A 10 -10.67 9.78 -0.57
CA GLU A 10 -9.64 8.99 0.11
C GLU A 10 -10.28 7.89 0.96
N LYS A 11 -9.52 6.83 1.20
CA LYS A 11 -10.00 5.71 2.01
C LYS A 11 -9.79 5.98 3.49
N PRO A 12 -10.57 5.30 4.34
CA PRO A 12 -10.47 5.45 5.80
C PRO A 12 -9.19 4.86 6.36
N PHE A 13 -8.32 4.38 5.47
CA PHE A 13 -7.04 3.80 5.88
C PHE A 13 -5.92 4.23 4.94
N LYS A 14 -4.68 3.97 5.36
CA LYS A 14 -3.53 4.32 4.54
C LYS A 14 -2.30 3.51 4.96
N CYS A 15 -1.41 3.26 4.01
CA CYS A 15 -0.20 2.48 4.29
C CYS A 15 0.86 3.36 4.94
N ASP A 16 1.95 2.74 5.38
CA ASP A 16 3.04 3.46 6.03
C ASP A 16 4.33 3.34 5.20
N ILE A 17 4.39 2.32 4.36
CA ILE A 17 5.56 2.10 3.52
C ILE A 17 5.42 2.80 2.18
N CYS A 18 4.26 2.65 1.55
CA CYS A 18 4.00 3.26 0.26
C CYS A 18 2.80 4.21 0.35
N GLY A 19 2.16 4.24 1.51
CA GLY A 19 1.01 5.10 1.71
C GLY A 19 -0.25 4.54 1.06
N LYS A 20 -0.15 3.33 0.53
CA LYS A 20 -1.28 2.68 -0.12
C LYS A 20 -2.51 2.72 0.76
N SER A 21 -3.66 3.07 0.17
CA SER A 21 -4.91 3.15 0.91
C SER A 21 -5.74 1.89 0.70
N PHE A 22 -6.64 1.63 1.65
CA PHE A 22 -7.50 0.45 1.57
C PHE A 22 -8.83 0.70 2.28
N CYS A 23 -9.92 0.62 1.53
CA CYS A 23 -11.25 0.84 2.08
C CYS A 23 -11.43 0.07 3.39
N GLY A 24 -10.77 -1.07 3.49
CA GLY A 24 -10.87 -1.89 4.68
C GLY A 24 -9.52 -2.35 5.19
N ARG A 25 -9.23 -2.05 6.45
CA ARG A 25 -7.96 -2.44 7.06
C ARG A 25 -7.68 -3.92 6.83
N SER A 26 -8.70 -4.75 7.02
CA SER A 26 -8.56 -6.19 6.83
C SER A 26 -7.64 -6.50 5.66
N ARG A 27 -7.62 -5.61 4.67
CA ARG A 27 -6.77 -5.79 3.50
C ARG A 27 -5.42 -5.12 3.69
N LEU A 28 -5.45 -3.83 3.99
CA LEU A 28 -4.21 -3.06 4.20
C LEU A 28 -3.26 -3.82 5.11
N ASN A 29 -3.75 -4.20 6.29
CA ASN A 29 -2.93 -4.94 7.25
C ASN A 29 -2.09 -6.00 6.55
N ARG A 30 -2.74 -6.82 5.74
CA ARG A 30 -2.06 -7.88 5.01
C ARG A 30 -1.04 -7.30 4.02
N HIS A 31 -1.40 -6.19 3.39
CA HIS A 31 -0.52 -5.54 2.43
C HIS A 31 0.79 -5.14 3.09
N SER A 32 0.71 -4.57 4.28
CA SER A 32 1.89 -4.13 5.00
C SER A 32 2.86 -5.30 5.21
N MET A 33 2.38 -6.52 4.95
CA MET A 33 3.20 -7.71 5.11
C MET A 33 4.00 -7.98 3.85
N VAL A 34 3.51 -7.50 2.71
CA VAL A 34 4.18 -7.68 1.43
C VAL A 34 5.41 -6.79 1.32
N HIS A 35 5.46 -5.77 2.16
CA HIS A 35 6.59 -4.84 2.15
C HIS A 35 7.82 -5.47 2.80
N THR A 36 7.60 -6.53 3.57
CA THR A 36 8.70 -7.23 4.24
C THR A 36 8.76 -8.68 3.80
N ALA A 37 8.18 -8.98 2.64
CA ALA A 37 8.18 -10.34 2.12
C ALA A 37 9.27 -10.52 1.07
N GLU A 38 10.42 -9.88 1.31
CA GLU A 38 11.55 -9.97 0.39
C GLU A 38 12.80 -9.35 1.00
N LYS A 39 13.90 -9.36 0.24
CA LYS A 39 15.16 -8.81 0.71
C LYS A 39 15.01 -7.32 1.03
N PRO A 40 15.95 -6.78 1.83
CA PRO A 40 15.94 -5.37 2.22
C PRO A 40 16.28 -4.45 1.05
N SER A 41 16.68 -5.04 -0.07
CA SER A 41 17.02 -4.27 -1.26
C SER A 41 15.78 -3.71 -1.93
N GLY A 42 15.40 -2.48 -1.56
CA GLY A 42 14.24 -1.86 -2.13
C GLY A 42 14.19 -0.36 -1.87
N PRO A 43 13.66 0.40 -2.84
CA PRO A 43 13.55 1.86 -2.74
C PRO A 43 12.51 2.28 -1.70
N SER A 44 12.85 3.30 -0.92
CA SER A 44 11.96 3.81 0.11
C SER A 44 12.51 5.08 0.73
N SER A 45 11.64 6.08 0.91
CA SER A 45 12.05 7.35 1.49
C SER A 45 12.56 7.16 2.91
N GLY A 46 11.76 6.50 3.75
CA GLY A 46 12.14 6.26 5.12
C GLY A 46 12.40 4.79 5.41
ZN ZN B . 2.27 -0.33 1.14
N GLY A 1 -0.41 18.96 -8.39
CA GLY A 1 0.21 17.70 -8.00
C GLY A 1 -0.09 16.58 -8.98
N SER A 2 -1.35 16.14 -9.00
CA SER A 2 -1.76 15.06 -9.89
C SER A 2 -2.66 15.59 -11.00
N SER A 3 -2.84 14.78 -12.03
CA SER A 3 -3.68 15.16 -13.17
C SER A 3 -5.05 14.51 -13.07
N GLY A 4 -6.08 15.34 -12.88
CA GLY A 4 -7.44 14.83 -12.77
C GLY A 4 -8.41 15.89 -12.27
N SER A 5 -9.37 15.46 -11.46
CA SER A 5 -10.37 16.38 -10.91
C SER A 5 -9.93 16.91 -9.56
N SER A 6 -10.30 18.16 -9.29
CA SER A 6 -9.94 18.81 -8.02
C SER A 6 -10.30 17.92 -6.84
N GLY A 7 -9.28 17.50 -6.09
CA GLY A 7 -9.51 16.64 -4.94
C GLY A 7 -9.80 15.21 -5.33
N THR A 8 -9.83 14.32 -4.34
CA THR A 8 -10.09 12.91 -4.59
C THR A 8 -10.62 12.22 -3.33
N GLY A 9 -11.37 11.14 -3.53
CA GLY A 9 -11.92 10.41 -2.41
C GLY A 9 -10.91 9.47 -1.77
N GLU A 10 -10.46 9.81 -0.56
CA GLU A 10 -9.49 8.99 0.15
C GLU A 10 -10.19 7.93 0.98
N LYS A 11 -9.46 6.85 1.27
CA LYS A 11 -10.01 5.75 2.07
C LYS A 11 -9.78 6.00 3.56
N PRO A 12 -10.56 5.30 4.40
CA PRO A 12 -10.47 5.42 5.86
C PRO A 12 -9.17 4.81 6.40
N PHE A 13 -8.31 4.36 5.50
CA PHE A 13 -7.04 3.76 5.88
C PHE A 13 -5.93 4.18 4.94
N LYS A 14 -4.68 3.96 5.36
CA LYS A 14 -3.53 4.32 4.54
C LYS A 14 -2.31 3.51 4.96
N CYS A 15 -1.42 3.24 4.00
CA CYS A 15 -0.21 2.48 4.27
C CYS A 15 0.86 3.37 4.90
N ASP A 16 1.95 2.74 5.35
CA ASP A 16 3.05 3.46 5.97
C ASP A 16 4.33 3.34 5.14
N ILE A 17 4.38 2.31 4.30
CA ILE A 17 5.54 2.08 3.45
C ILE A 17 5.40 2.80 2.12
N CYS A 18 4.23 2.66 1.50
CA CYS A 18 3.96 3.29 0.21
C CYS A 18 2.77 4.24 0.31
N GLY A 19 2.12 4.25 1.47
CA GLY A 19 0.97 5.11 1.67
C GLY A 19 -0.29 4.54 1.03
N LYS A 20 -0.19 3.33 0.50
CA LYS A 20 -1.33 2.68 -0.14
C LYS A 20 -2.56 2.71 0.76
N SER A 21 -3.70 3.05 0.18
CA SER A 21 -4.95 3.11 0.93
C SER A 21 -5.76 1.84 0.75
N PHE A 22 -6.69 1.61 1.66
CA PHE A 22 -7.55 0.41 1.60
C PHE A 22 -8.87 0.67 2.32
N CYS A 23 -9.96 0.64 1.55
CA CYS A 23 -11.29 0.86 2.10
C CYS A 23 -11.48 0.04 3.38
N GLY A 24 -10.74 -1.04 3.50
CA GLY A 24 -10.85 -1.90 4.68
C GLY A 24 -9.50 -2.37 5.18
N ARG A 25 -9.19 -2.08 6.44
CA ARG A 25 -7.93 -2.48 7.04
C ARG A 25 -7.64 -3.96 6.76
N SER A 26 -8.65 -4.80 6.93
CA SER A 26 -8.51 -6.23 6.70
C SER A 26 -7.58 -6.50 5.52
N ARG A 27 -7.61 -5.61 4.54
CA ARG A 27 -6.77 -5.75 3.36
C ARG A 27 -5.40 -5.10 3.57
N LEU A 28 -5.42 -3.82 3.95
CA LEU A 28 -4.19 -3.08 4.18
C LEU A 28 -3.25 -3.86 5.11
N ASN A 29 -3.74 -4.19 6.30
CA ASN A 29 -2.96 -4.94 7.27
C ASN A 29 -2.08 -5.98 6.58
N ARG A 30 -2.71 -6.81 5.75
CA ARG A 30 -1.98 -7.86 5.03
C ARG A 30 -0.99 -7.25 4.04
N HIS A 31 -1.40 -6.17 3.39
CA HIS A 31 -0.54 -5.49 2.42
C HIS A 31 0.76 -5.04 3.08
N SER A 32 0.67 -4.55 4.31
CA SER A 32 1.85 -4.09 5.04
C SER A 32 2.83 -5.23 5.27
N MET A 33 2.37 -6.46 5.04
CA MET A 33 3.21 -7.64 5.22
C MET A 33 4.00 -7.94 3.94
N VAL A 34 3.47 -7.49 2.81
CA VAL A 34 4.13 -7.72 1.53
C VAL A 34 5.36 -6.84 1.38
N HIS A 35 5.46 -5.81 2.21
CA HIS A 35 6.61 -4.90 2.18
C HIS A 35 7.82 -5.55 2.85
N THR A 36 7.58 -6.55 3.69
CA THR A 36 8.65 -7.24 4.39
C THR A 36 8.88 -8.63 3.81
N ALA A 37 8.54 -8.80 2.54
CA ALA A 37 8.71 -10.09 1.87
C ALA A 37 9.92 -10.07 0.96
N GLU A 38 11.10 -10.34 1.53
CA GLU A 38 12.33 -10.36 0.77
C GLU A 38 12.62 -11.76 0.22
N LYS A 39 12.13 -12.02 -0.99
CA LYS A 39 12.34 -13.31 -1.63
C LYS A 39 13.44 -13.24 -2.67
N PRO A 40 14.23 -14.33 -2.78
CA PRO A 40 15.34 -14.41 -3.73
C PRO A 40 14.86 -14.49 -5.18
N SER A 41 14.81 -13.34 -5.84
CA SER A 41 14.37 -13.27 -7.23
C SER A 41 15.54 -13.03 -8.16
N GLY A 42 15.65 -13.86 -9.21
CA GLY A 42 16.74 -13.70 -10.16
C GLY A 42 18.04 -13.33 -9.50
N PRO A 43 18.96 -12.75 -10.29
CA PRO A 43 20.27 -12.32 -9.79
C PRO A 43 20.18 -11.13 -8.86
N SER A 44 21.17 -10.99 -7.97
CA SER A 44 21.19 -9.89 -7.02
C SER A 44 21.61 -8.58 -7.70
N SER A 45 20.62 -7.72 -7.96
CA SER A 45 20.87 -6.45 -8.61
C SER A 45 20.79 -5.30 -7.60
N GLY A 46 19.77 -5.35 -6.75
CA GLY A 46 19.59 -4.30 -5.75
C GLY A 46 18.41 -3.40 -6.06
ZN ZN B . 2.24 -0.29 1.10
N GLY A 1 -11.99 6.69 -22.80
CA GLY A 1 -11.92 5.37 -22.19
C GLY A 1 -10.50 4.81 -22.17
N SER A 2 -9.75 5.17 -21.14
CA SER A 2 -8.37 4.71 -21.01
C SER A 2 -8.31 3.38 -20.26
N SER A 3 -7.22 2.64 -20.46
CA SER A 3 -7.04 1.35 -19.82
C SER A 3 -6.22 1.49 -18.54
N GLY A 4 -6.50 2.53 -17.77
CA GLY A 4 -5.77 2.76 -16.54
C GLY A 4 -6.60 2.44 -15.31
N SER A 5 -6.21 1.40 -14.59
CA SER A 5 -6.93 0.98 -13.39
C SER A 5 -6.43 1.77 -12.17
N SER A 6 -7.19 2.79 -11.78
CA SER A 6 -6.83 3.61 -10.64
C SER A 6 -8.02 4.46 -10.18
N GLY A 7 -8.40 4.30 -8.92
CA GLY A 7 -9.52 5.05 -8.39
C GLY A 7 -9.10 6.40 -7.84
N THR A 8 -10.05 7.33 -7.77
CA THR A 8 -9.77 8.68 -7.26
C THR A 8 -10.55 8.95 -5.99
N GLY A 9 -9.85 9.41 -4.96
CA GLY A 9 -10.50 9.71 -3.69
C GLY A 9 -9.64 9.39 -2.50
N GLU A 10 -10.26 9.14 -1.35
CA GLU A 10 -9.52 8.84 -0.13
C GLU A 10 -10.23 7.73 0.66
N LYS A 11 -9.44 6.87 1.28
CA LYS A 11 -9.99 5.77 2.07
C LYS A 11 -9.77 6.02 3.56
N PRO A 12 -10.57 5.32 4.40
CA PRO A 12 -10.48 5.45 5.86
C PRO A 12 -9.20 4.84 6.41
N PHE A 13 -8.32 4.38 5.52
CA PHE A 13 -7.06 3.78 5.93
C PHE A 13 -5.93 4.20 4.99
N LYS A 14 -4.70 3.98 5.42
CA LYS A 14 -3.53 4.33 4.61
C LYS A 14 -2.31 3.53 5.05
N CYS A 15 -1.42 3.26 4.10
CA CYS A 15 -0.20 2.50 4.38
C CYS A 15 0.85 3.38 5.03
N ASP A 16 1.97 2.78 5.43
CA ASP A 16 3.05 3.51 6.07
C ASP A 16 4.33 3.40 5.25
N ILE A 17 4.41 2.37 4.40
CA ILE A 17 5.58 2.15 3.56
C ILE A 17 5.43 2.85 2.22
N CYS A 18 4.27 2.69 1.60
CA CYS A 18 3.99 3.32 0.31
C CYS A 18 2.79 4.26 0.40
N GLY A 19 2.16 4.28 1.57
CA GLY A 19 1.01 5.15 1.77
C GLY A 19 -0.24 4.60 1.11
N LYS A 20 -0.16 3.36 0.60
CA LYS A 20 -1.28 2.73 -0.05
C LYS A 20 -2.53 2.75 0.84
N SER A 21 -3.67 3.07 0.25
CA SER A 21 -4.92 3.14 0.99
C SER A 21 -5.73 1.86 0.80
N PHE A 22 -6.66 1.61 1.71
CA PHE A 22 -7.50 0.43 1.65
C PHE A 22 -8.84 0.67 2.35
N CYS A 23 -9.92 0.66 1.58
CA CYS A 23 -11.26 0.87 2.12
C CYS A 23 -11.45 0.07 3.41
N GLY A 24 -10.75 -1.05 3.51
CA GLY A 24 -10.87 -1.89 4.69
C GLY A 24 -9.52 -2.36 5.21
N ARG A 25 -9.23 -2.06 6.46
CA ARG A 25 -7.95 -2.45 7.06
C ARG A 25 -7.67 -3.93 6.81
N SER A 26 -8.68 -4.76 7.01
CA SER A 26 -8.54 -6.20 6.79
C SER A 26 -7.60 -6.49 5.62
N ARG A 27 -7.60 -5.60 4.64
CA ARG A 27 -6.75 -5.75 3.47
C ARG A 27 -5.39 -5.09 3.68
N LEU A 28 -5.41 -3.80 4.00
CA LEU A 28 -4.19 -3.05 4.23
C LEU A 28 -3.24 -3.83 5.15
N ASN A 29 -3.74 -4.21 6.32
CA ASN A 29 -2.95 -4.96 7.29
C ASN A 29 -2.09 -6.02 6.58
N ARG A 30 -2.73 -6.83 5.77
CA ARG A 30 -2.03 -7.89 5.04
C ARG A 30 -1.04 -7.29 4.04
N HIS A 31 -1.44 -6.19 3.40
CA HIS A 31 -0.59 -5.53 2.42
C HIS A 31 0.73 -5.11 3.06
N SER A 32 0.66 -4.55 4.27
CA SER A 32 1.85 -4.10 4.98
C SER A 32 2.85 -5.25 5.14
N MET A 33 2.39 -6.48 4.92
CA MET A 33 3.24 -7.65 5.04
C MET A 33 4.00 -7.90 3.74
N VAL A 34 3.40 -7.49 2.63
CA VAL A 34 4.03 -7.67 1.31
C VAL A 34 5.28 -6.82 1.19
N HIS A 35 5.39 -5.79 2.02
CA HIS A 35 6.55 -4.90 2.00
C HIS A 35 7.78 -5.60 2.57
N THR A 36 7.55 -6.60 3.43
CA THR A 36 8.63 -7.34 4.05
C THR A 36 8.74 -8.75 3.47
N ALA A 37 8.29 -8.90 2.22
CA ALA A 37 8.35 -10.20 1.56
C ALA A 37 9.20 -10.14 0.30
N GLU A 38 10.29 -9.39 0.37
CA GLU A 38 11.20 -9.25 -0.77
C GLU A 38 12.63 -9.57 -0.36
N LYS A 39 13.04 -10.82 -0.59
CA LYS A 39 14.39 -11.26 -0.24
C LYS A 39 15.43 -10.32 -0.85
N PRO A 40 16.53 -10.10 -0.11
CA PRO A 40 17.62 -9.23 -0.55
C PRO A 40 18.40 -9.83 -1.72
N SER A 41 18.38 -9.15 -2.86
CA SER A 41 19.09 -9.62 -4.04
C SER A 41 20.43 -8.90 -4.20
N GLY A 42 21.51 -9.60 -3.90
CA GLY A 42 22.83 -9.02 -4.00
C GLY A 42 23.25 -8.29 -2.75
N PRO A 43 24.14 -7.29 -2.91
CA PRO A 43 24.64 -6.48 -1.78
C PRO A 43 23.56 -5.57 -1.20
N SER A 44 23.41 -5.61 0.13
CA SER A 44 22.42 -4.80 0.81
C SER A 44 22.75 -3.31 0.68
N SER A 45 21.73 -2.49 0.55
CA SER A 45 21.93 -1.05 0.42
C SER A 45 20.69 -0.29 0.90
N GLY A 46 20.90 0.67 1.79
CA GLY A 46 19.79 1.45 2.32
C GLY A 46 18.59 0.60 2.66
ZN ZN B . 2.29 -0.25 1.26
N GLY A 1 4.58 3.90 -11.36
CA GLY A 1 4.65 4.53 -10.05
C GLY A 1 3.48 5.46 -9.79
N SER A 2 3.72 6.48 -8.97
CA SER A 2 2.68 7.44 -8.63
C SER A 2 2.53 8.49 -9.74
N SER A 3 3.65 9.12 -10.11
CA SER A 3 3.65 10.14 -11.14
C SER A 3 2.64 11.24 -10.81
N GLY A 4 2.61 11.65 -9.55
CA GLY A 4 1.70 12.70 -9.12
C GLY A 4 0.52 12.15 -8.34
N SER A 5 -0.48 13.00 -8.12
CA SER A 5 -1.67 12.59 -7.38
C SER A 5 -2.85 12.39 -8.31
N SER A 6 -3.30 11.15 -8.43
CA SER A 6 -4.43 10.82 -9.30
C SER A 6 -5.49 10.02 -8.54
N GLY A 7 -6.64 10.64 -8.32
CA GLY A 7 -7.72 9.98 -7.61
C GLY A 7 -8.88 10.90 -7.31
N THR A 8 -10.06 10.31 -7.09
CA THR A 8 -11.26 11.10 -6.81
C THR A 8 -11.94 10.61 -5.54
N GLY A 9 -11.13 10.25 -4.54
CA GLY A 9 -11.67 9.78 -3.28
C GLY A 9 -10.62 9.13 -2.41
N GLU A 10 -10.69 9.39 -1.10
CA GLU A 10 -9.73 8.82 -0.15
C GLU A 10 -10.37 7.68 0.65
N LYS A 11 -9.52 6.87 1.27
CA LYS A 11 -10.00 5.75 2.07
C LYS A 11 -9.77 6.02 3.56
N PRO A 12 -10.55 5.33 4.40
CA PRO A 12 -10.47 5.47 5.86
C PRO A 12 -9.18 4.87 6.42
N PHE A 13 -8.31 4.40 5.53
CA PHE A 13 -7.04 3.82 5.93
C PHE A 13 -5.92 4.23 4.99
N LYS A 14 -4.67 3.99 5.39
CA LYS A 14 -3.52 4.34 4.58
C LYS A 14 -2.29 3.54 5.03
N CYS A 15 -1.42 3.23 4.07
CA CYS A 15 -0.20 2.49 4.35
C CYS A 15 0.85 3.37 5.00
N ASP A 16 1.95 2.76 5.41
CA ASP A 16 3.04 3.49 6.05
C ASP A 16 4.32 3.38 5.23
N ILE A 17 4.41 2.34 4.41
CA ILE A 17 5.59 2.12 3.57
C ILE A 17 5.44 2.83 2.23
N CYS A 18 4.28 2.68 1.60
CA CYS A 18 4.02 3.31 0.32
C CYS A 18 2.82 4.25 0.40
N GLY A 19 2.17 4.26 1.56
CA GLY A 19 1.01 5.12 1.76
C GLY A 19 -0.24 4.56 1.09
N LYS A 20 -0.15 3.33 0.60
CA LYS A 20 -1.27 2.69 -0.06
C LYS A 20 -2.52 2.73 0.82
N SER A 21 -3.64 3.11 0.23
CA SER A 21 -4.90 3.19 0.96
C SER A 21 -5.74 1.92 0.75
N PHE A 22 -6.64 1.66 1.69
CA PHE A 22 -7.50 0.48 1.60
C PHE A 22 -8.83 0.73 2.31
N CYS A 23 -9.92 0.67 1.56
CA CYS A 23 -11.25 0.89 2.12
C CYS A 23 -11.44 0.10 3.41
N GLY A 24 -10.75 -1.03 3.50
CA GLY A 24 -10.86 -1.86 4.69
C GLY A 24 -9.51 -2.32 5.20
N ARG A 25 -9.22 -2.03 6.46
CA ARG A 25 -7.95 -2.42 7.06
C ARG A 25 -7.65 -3.90 6.81
N SER A 26 -8.66 -4.74 7.04
CA SER A 26 -8.51 -6.17 6.84
C SER A 26 -7.58 -6.47 5.67
N ARG A 27 -7.64 -5.61 4.65
CA ARG A 27 -6.80 -5.78 3.47
C ARG A 27 -5.44 -5.12 3.66
N LEU A 28 -5.46 -3.83 3.99
CA LEU A 28 -4.22 -3.08 4.21
C LEU A 28 -3.27 -3.86 5.11
N ASN A 29 -3.74 -4.22 6.30
CA ASN A 29 -2.92 -4.96 7.25
C ASN A 29 -2.07 -6.00 6.53
N ARG A 30 -2.71 -6.83 5.72
CA ARG A 30 -2.00 -7.86 4.98
C ARG A 30 -1.00 -7.26 4.01
N HIS A 31 -1.40 -6.18 3.35
CA HIS A 31 -0.55 -5.49 2.39
C HIS A 31 0.77 -5.07 3.04
N SER A 32 0.69 -4.60 4.29
CA SER A 32 1.87 -4.16 5.02
C SER A 32 2.86 -5.31 5.19
N MET A 33 2.39 -6.53 4.93
CA MET A 33 3.24 -7.71 5.06
C MET A 33 4.03 -7.95 3.77
N VAL A 34 3.44 -7.55 2.64
CA VAL A 34 4.09 -7.72 1.35
C VAL A 34 5.35 -6.87 1.24
N HIS A 35 5.43 -5.84 2.08
CA HIS A 35 6.58 -4.96 2.08
C HIS A 35 7.80 -5.64 2.69
N THR A 36 7.56 -6.62 3.54
CA THR A 36 8.62 -7.36 4.20
C THR A 36 8.79 -8.75 3.59
N ALA A 37 7.72 -9.26 2.99
CA ALA A 37 7.74 -10.58 2.37
C ALA A 37 8.32 -10.52 0.97
N GLU A 38 9.39 -9.75 0.81
CA GLU A 38 10.04 -9.60 -0.49
C GLU A 38 10.47 -10.95 -1.03
N LYS A 39 9.68 -11.48 -1.98
CA LYS A 39 9.97 -12.77 -2.60
C LYS A 39 11.40 -12.82 -3.11
N PRO A 40 12.03 -13.99 -3.00
CA PRO A 40 13.41 -14.20 -3.45
C PRO A 40 13.53 -14.18 -4.97
N SER A 41 12.38 -14.18 -5.65
CA SER A 41 12.36 -14.15 -7.11
C SER A 41 12.37 -12.72 -7.63
N GLY A 42 13.56 -12.23 -7.97
CA GLY A 42 13.68 -10.88 -8.48
C GLY A 42 15.12 -10.41 -8.55
N PRO A 43 15.32 -9.15 -8.96
CA PRO A 43 16.66 -8.56 -9.09
C PRO A 43 17.32 -8.34 -7.73
N SER A 44 18.65 -8.25 -7.73
CA SER A 44 19.40 -8.04 -6.51
C SER A 44 20.40 -6.89 -6.67
N SER A 45 20.81 -6.31 -5.55
CA SER A 45 21.77 -5.20 -5.56
C SER A 45 22.69 -5.27 -4.35
N GLY A 46 23.93 -4.85 -4.55
CA GLY A 46 24.90 -4.86 -3.47
C GLY A 46 25.84 -6.06 -3.54
ZN ZN B . 2.22 -0.26 1.19
N GLY A 1 -18.46 13.39 -14.64
CA GLY A 1 -17.49 13.50 -13.57
C GLY A 1 -16.41 12.45 -13.65
N SER A 2 -15.46 12.65 -14.56
CA SER A 2 -14.37 11.71 -14.75
C SER A 2 -13.14 12.14 -13.94
N SER A 3 -12.73 13.39 -14.12
CA SER A 3 -11.57 13.92 -13.42
C SER A 3 -11.56 15.45 -13.46
N GLY A 4 -11.68 16.07 -12.29
CA GLY A 4 -11.67 17.52 -12.22
C GLY A 4 -11.42 18.04 -10.82
N SER A 5 -12.44 18.65 -10.22
CA SER A 5 -12.32 19.18 -8.87
C SER A 5 -12.97 18.26 -7.85
N SER A 6 -12.75 16.96 -8.01
CA SER A 6 -13.32 15.96 -7.12
C SER A 6 -13.14 16.39 -5.66
N GLY A 7 -11.93 16.77 -5.30
CA GLY A 7 -11.65 17.20 -3.94
C GLY A 7 -10.92 16.13 -3.14
N THR A 8 -10.92 16.29 -1.82
CA THR A 8 -10.26 15.33 -0.93
C THR A 8 -11.25 14.30 -0.41
N GLY A 9 -10.75 13.09 -0.15
CA GLY A 9 -11.61 12.03 0.36
C GLY A 9 -11.06 10.65 0.04
N GLU A 10 -9.90 10.33 0.62
CA GLU A 10 -9.27 9.04 0.40
C GLU A 10 -9.84 7.99 1.34
N LYS A 11 -9.57 6.72 1.06
CA LYS A 11 -10.05 5.62 1.88
C LYS A 11 -9.84 5.91 3.36
N PRO A 12 -10.62 5.24 4.22
CA PRO A 12 -10.54 5.41 5.67
C PRO A 12 -9.26 4.84 6.24
N PHE A 13 -8.38 4.36 5.37
CA PHE A 13 -7.11 3.78 5.79
C PHE A 13 -5.98 4.19 4.85
N LYS A 14 -4.74 3.97 5.28
CA LYS A 14 -3.58 4.31 4.48
C LYS A 14 -2.36 3.51 4.92
N CYS A 15 -1.45 3.25 3.98
CA CYS A 15 -0.24 2.50 4.28
C CYS A 15 0.81 3.39 4.92
N ASP A 16 1.92 2.79 5.31
CA ASP A 16 3.01 3.54 5.94
C ASP A 16 4.29 3.43 5.11
N ILE A 17 4.39 2.39 4.30
CA ILE A 17 5.56 2.18 3.47
C ILE A 17 5.41 2.86 2.11
N CYS A 18 4.25 2.66 1.49
CA CYS A 18 3.97 3.27 0.19
C CYS A 18 2.76 4.19 0.27
N GLY A 19 2.13 4.24 1.44
CA GLY A 19 0.97 5.10 1.63
C GLY A 19 -0.27 4.54 0.96
N LYS A 20 -0.19 3.29 0.50
CA LYS A 20 -1.32 2.65 -0.16
C LYS A 20 -2.56 2.69 0.73
N SER A 21 -3.70 3.02 0.12
CA SER A 21 -4.95 3.09 0.86
C SER A 21 -5.77 1.82 0.67
N PHE A 22 -6.68 1.55 1.61
CA PHE A 22 -7.52 0.36 1.54
C PHE A 22 -8.86 0.61 2.24
N CYS A 23 -9.94 0.55 1.47
CA CYS A 23 -11.27 0.77 2.01
C CYS A 23 -11.47 0.00 3.31
N GLY A 24 -10.77 -1.14 3.44
CA GLY A 24 -10.88 -1.94 4.64
C GLY A 24 -9.53 -2.39 5.16
N ARG A 25 -9.24 -2.07 6.41
CA ARG A 25 -7.97 -2.44 7.03
C ARG A 25 -7.68 -3.92 6.81
N SER A 26 -8.68 -4.76 7.01
CA SER A 26 -8.53 -6.20 6.83
C SER A 26 -7.59 -6.51 5.66
N ARG A 27 -7.62 -5.65 4.66
CA ARG A 27 -6.77 -5.83 3.47
C ARG A 27 -5.42 -5.16 3.68
N LEU A 28 -5.45 -3.86 3.98
CA LEU A 28 -4.21 -3.10 4.20
C LEU A 28 -3.27 -3.84 5.13
N ASN A 29 -3.76 -4.19 6.32
CA ASN A 29 -2.95 -4.90 7.30
C ASN A 29 -2.09 -5.96 6.62
N ARG A 30 -2.71 -6.80 5.81
CA ARG A 30 -1.99 -7.85 5.11
C ARG A 30 -0.99 -7.26 4.12
N HIS A 31 -1.40 -6.19 3.44
CA HIS A 31 -0.54 -5.54 2.46
C HIS A 31 0.76 -5.09 3.10
N SER A 32 0.67 -4.57 4.32
CA SER A 32 1.85 -4.10 5.04
C SER A 32 2.85 -5.23 5.25
N MET A 33 2.40 -6.46 5.04
CA MET A 33 3.25 -7.63 5.20
C MET A 33 4.03 -7.91 3.91
N VAL A 34 3.48 -7.47 2.79
CA VAL A 34 4.12 -7.68 1.50
C VAL A 34 5.38 -6.82 1.37
N HIS A 35 5.46 -5.78 2.18
CA HIS A 35 6.60 -4.87 2.16
C HIS A 35 7.83 -5.53 2.80
N THR A 36 7.58 -6.50 3.67
CA THR A 36 8.66 -7.21 4.35
C THR A 36 8.72 -8.66 3.92
N ALA A 37 7.60 -9.17 3.40
CA ALA A 37 7.52 -10.55 2.96
C ALA A 37 7.89 -10.68 1.48
N GLU A 38 9.18 -10.74 1.19
CA GLU A 38 9.66 -10.86 -0.18
C GLU A 38 10.38 -12.19 -0.40
N LYS A 39 10.00 -12.90 -1.46
CA LYS A 39 10.61 -14.18 -1.79
C LYS A 39 11.74 -14.01 -2.79
N PRO A 40 12.66 -14.99 -2.84
CA PRO A 40 13.80 -14.96 -3.75
C PRO A 40 13.37 -15.17 -5.21
N SER A 41 12.21 -15.78 -5.40
CA SER A 41 11.70 -16.04 -6.75
C SER A 41 10.69 -14.96 -7.15
N GLY A 42 11.20 -13.87 -7.74
CA GLY A 42 10.33 -12.80 -8.16
C GLY A 42 10.96 -11.43 -7.94
N PRO A 43 10.59 -10.47 -8.80
CA PRO A 43 11.11 -9.10 -8.73
C PRO A 43 10.59 -8.35 -7.51
N SER A 44 11.36 -8.39 -6.43
CA SER A 44 10.98 -7.72 -5.19
C SER A 44 10.75 -6.23 -5.43
N SER A 45 9.63 -5.71 -4.94
CA SER A 45 9.30 -4.30 -5.10
C SER A 45 8.03 -3.95 -4.35
N GLY A 46 7.95 -2.71 -3.86
CA GLY A 46 6.79 -2.28 -3.12
C GLY A 46 5.49 -2.73 -3.76
ZN ZN B . 2.23 -0.29 1.17
N GLY A 1 4.52 29.99 3.17
CA GLY A 1 4.39 28.58 2.82
C GLY A 1 3.55 27.82 3.84
N SER A 2 2.79 26.85 3.34
CA SER A 2 1.93 26.05 4.20
C SER A 2 2.58 24.70 4.51
N SER A 3 1.94 23.94 5.41
CA SER A 3 2.45 22.64 5.80
C SER A 3 1.52 21.52 5.33
N GLY A 4 1.03 21.65 4.11
CA GLY A 4 0.13 20.65 3.56
C GLY A 4 -1.15 20.53 4.36
N SER A 5 -2.28 20.77 3.70
CA SER A 5 -3.58 20.69 4.36
C SER A 5 -4.13 19.27 4.32
N SER A 6 -4.42 18.72 5.49
CA SER A 6 -4.94 17.36 5.60
C SER A 6 -6.46 17.37 5.76
N GLY A 7 -7.16 16.85 4.75
CA GLY A 7 -8.61 16.80 4.79
C GLY A 7 -9.15 15.39 4.66
N THR A 8 -10.32 15.27 4.04
CA THR A 8 -10.95 13.97 3.85
C THR A 8 -11.26 13.72 2.38
N GLY A 9 -11.24 12.45 1.98
CA GLY A 9 -11.53 12.10 0.61
C GLY A 9 -11.09 10.68 0.26
N GLU A 10 -9.84 10.37 0.56
CA GLU A 10 -9.30 9.04 0.29
C GLU A 10 -9.92 7.99 1.22
N LYS A 11 -9.55 6.74 1.01
CA LYS A 11 -10.05 5.64 1.83
C LYS A 11 -9.86 5.94 3.31
N PRO A 12 -10.65 5.27 4.17
CA PRO A 12 -10.58 5.44 5.62
C PRO A 12 -9.29 4.87 6.21
N PHE A 13 -8.41 4.39 5.34
CA PHE A 13 -7.14 3.83 5.78
C PHE A 13 -6.01 4.24 4.84
N LYS A 14 -4.78 3.98 5.27
CA LYS A 14 -3.60 4.32 4.47
C LYS A 14 -2.40 3.52 4.92
N CYS A 15 -1.48 3.25 3.98
CA CYS A 15 -0.27 2.50 4.28
C CYS A 15 0.78 3.39 4.95
N ASP A 16 1.88 2.77 5.37
CA ASP A 16 2.97 3.51 6.01
C ASP A 16 4.25 3.41 5.20
N ILE A 17 4.34 2.37 4.37
CA ILE A 17 5.52 2.16 3.53
C ILE A 17 5.37 2.86 2.19
N CYS A 18 4.23 2.66 1.55
CA CYS A 18 3.96 3.27 0.25
C CYS A 18 2.76 4.21 0.33
N GLY A 19 2.12 4.25 1.49
CA GLY A 19 0.96 5.09 1.68
C GLY A 19 -0.29 4.53 1.01
N LYS A 20 -0.18 3.29 0.53
CA LYS A 20 -1.31 2.64 -0.13
C LYS A 20 -2.56 2.69 0.73
N SER A 21 -3.69 3.03 0.12
CA SER A 21 -4.95 3.11 0.84
C SER A 21 -5.78 1.85 0.65
N PHE A 22 -6.68 1.58 1.59
CA PHE A 22 -7.53 0.40 1.52
C PHE A 22 -8.87 0.66 2.21
N CYS A 23 -9.95 0.53 1.47
CA CYS A 23 -11.29 0.75 2.01
C CYS A 23 -11.47 -0.02 3.31
N GLY A 24 -10.76 -1.13 3.45
CA GLY A 24 -10.86 -1.93 4.66
C GLY A 24 -9.51 -2.38 5.17
N ARG A 25 -9.22 -2.06 6.43
CA ARG A 25 -7.95 -2.43 7.04
C ARG A 25 -7.66 -3.92 6.83
N SER A 26 -8.67 -4.75 7.06
CA SER A 26 -8.52 -6.19 6.90
C SER A 26 -7.57 -6.51 5.76
N ARG A 27 -7.60 -5.68 4.72
CA ARG A 27 -6.74 -5.88 3.56
C ARG A 27 -5.39 -5.18 3.75
N LEU A 28 -5.44 -3.88 4.03
CA LEU A 28 -4.23 -3.10 4.23
C LEU A 28 -3.27 -3.83 5.15
N ASN A 29 -3.73 -4.19 6.34
CA ASN A 29 -2.91 -4.90 7.31
C ASN A 29 -2.04 -5.95 6.62
N ARG A 30 -2.68 -6.79 5.82
CA ARG A 30 -1.97 -7.85 5.09
C ARG A 30 -0.96 -7.25 4.11
N HIS A 31 -1.37 -6.18 3.43
CA HIS A 31 -0.51 -5.52 2.46
C HIS A 31 0.80 -5.07 3.11
N SER A 32 0.72 -4.58 4.34
CA SER A 32 1.90 -4.12 5.07
C SER A 32 2.90 -5.26 5.24
N MET A 33 2.45 -6.48 5.00
CA MET A 33 3.31 -7.65 5.13
C MET A 33 4.07 -7.92 3.83
N VAL A 34 3.47 -7.53 2.71
CA VAL A 34 4.10 -7.73 1.40
C VAL A 34 5.35 -6.87 1.27
N HIS A 35 5.45 -5.83 2.09
CA HIS A 35 6.60 -4.94 2.06
C HIS A 35 7.83 -5.62 2.64
N THR A 36 7.60 -6.59 3.51
CA THR A 36 8.69 -7.33 4.15
C THR A 36 8.83 -8.73 3.57
N ALA A 37 7.74 -9.24 3.02
CA ALA A 37 7.73 -10.58 2.43
C ALA A 37 8.25 -10.55 1.00
N GLU A 38 9.29 -9.74 0.78
CA GLU A 38 9.88 -9.61 -0.55
C GLU A 38 10.80 -10.79 -0.84
N LYS A 39 10.24 -11.85 -1.42
CA LYS A 39 10.99 -13.05 -1.75
C LYS A 39 10.95 -13.32 -3.25
N PRO A 40 11.93 -14.09 -3.74
CA PRO A 40 12.03 -14.45 -5.16
C PRO A 40 10.93 -15.40 -5.60
N SER A 41 10.11 -14.96 -6.54
CA SER A 41 9.01 -15.76 -7.05
C SER A 41 9.11 -15.94 -8.56
N GLY A 42 9.42 -14.85 -9.26
CA GLY A 42 9.55 -14.91 -10.71
C GLY A 42 10.34 -13.75 -11.26
N PRO A 43 10.17 -13.47 -12.56
CA PRO A 43 10.86 -12.37 -13.24
C PRO A 43 10.37 -11.00 -12.78
N SER A 44 11.25 -10.01 -12.89
CA SER A 44 10.91 -8.64 -12.47
C SER A 44 11.74 -7.63 -13.25
N SER A 45 11.09 -6.55 -13.69
CA SER A 45 11.77 -5.51 -14.44
C SER A 45 11.83 -4.21 -13.63
N GLY A 46 12.99 -3.56 -13.66
CA GLY A 46 13.16 -2.31 -12.93
C GLY A 46 14.02 -1.32 -13.67
ZN ZN B . 2.21 -0.28 1.17
N GLY A 1 -5.76 -4.18 -20.38
CA GLY A 1 -5.48 -2.80 -20.77
C GLY A 1 -5.89 -1.82 -19.69
N SER A 2 -5.20 -1.86 -18.56
CA SER A 2 -5.50 -0.95 -17.45
C SER A 2 -5.24 0.50 -17.84
N SER A 3 -6.29 1.30 -17.84
CA SER A 3 -6.16 2.71 -18.20
C SER A 3 -5.55 3.51 -17.06
N GLY A 4 -6.24 3.55 -15.93
CA GLY A 4 -5.75 4.28 -14.77
C GLY A 4 -6.54 5.55 -14.52
N SER A 5 -7.82 5.40 -14.19
CA SER A 5 -8.68 6.54 -13.92
C SER A 5 -8.66 6.91 -12.44
N SER A 6 -8.44 8.18 -12.15
CA SER A 6 -8.40 8.66 -10.78
C SER A 6 -9.80 8.78 -10.20
N GLY A 7 -10.04 8.07 -9.10
CA GLY A 7 -11.35 8.11 -8.47
C GLY A 7 -11.62 9.43 -7.79
N THR A 8 -12.11 9.37 -6.55
CA THR A 8 -12.41 10.59 -5.79
C THR A 8 -12.18 10.36 -4.30
N GLY A 9 -11.94 11.45 -3.57
CA GLY A 9 -11.72 11.35 -2.14
C GLY A 9 -10.62 10.37 -1.80
N GLU A 10 -10.68 9.84 -0.57
CA GLU A 10 -9.67 8.88 -0.12
C GLU A 10 -10.32 7.79 0.74
N LYS A 11 -9.51 6.81 1.14
CA LYS A 11 -9.99 5.71 1.96
C LYS A 11 -9.77 6.00 3.45
N PRO A 12 -10.57 5.34 4.30
CA PRO A 12 -10.46 5.50 5.76
C PRO A 12 -9.18 4.89 6.32
N PHE A 13 -8.32 4.39 5.44
CA PHE A 13 -7.07 3.79 5.85
C PHE A 13 -5.93 4.20 4.91
N LYS A 14 -4.70 3.99 5.36
CA LYS A 14 -3.53 4.33 4.56
C LYS A 14 -2.32 3.52 4.99
N CYS A 15 -1.42 3.26 4.05
CA CYS A 15 -0.20 2.49 4.33
C CYS A 15 0.86 3.36 4.99
N ASP A 16 1.94 2.74 5.43
CA ASP A 16 3.03 3.45 6.07
C ASP A 16 4.31 3.36 5.25
N ILE A 17 4.38 2.33 4.40
CA ILE A 17 5.55 2.13 3.55
C ILE A 17 5.41 2.86 2.23
N CYS A 18 4.26 2.68 1.58
CA CYS A 18 3.99 3.33 0.30
C CYS A 18 2.79 4.25 0.41
N GLY A 19 2.15 4.27 1.57
CA GLY A 19 0.99 5.11 1.77
C GLY A 19 -0.25 4.56 1.10
N LYS A 20 -0.15 3.34 0.59
CA LYS A 20 -1.28 2.69 -0.07
C LYS A 20 -2.52 2.72 0.81
N SER A 21 -3.66 3.07 0.21
CA SER A 21 -4.91 3.14 0.95
C SER A 21 -5.74 1.86 0.75
N PHE A 22 -6.65 1.61 1.68
CA PHE A 22 -7.49 0.42 1.61
C PHE A 22 -8.82 0.66 2.31
N CYS A 23 -9.90 0.65 1.54
CA CYS A 23 -11.24 0.87 2.09
C CYS A 23 -11.42 0.08 3.39
N GLY A 24 -10.72 -1.05 3.51
CA GLY A 24 -10.84 -1.87 4.69
C GLY A 24 -9.47 -2.32 5.20
N ARG A 25 -9.21 -2.06 6.48
CA ARG A 25 -7.95 -2.44 7.09
C ARG A 25 -7.64 -3.92 6.84
N SER A 26 -8.65 -4.76 7.05
CA SER A 26 -8.49 -6.20 6.86
C SER A 26 -7.57 -6.49 5.67
N ARG A 27 -7.60 -5.61 4.68
CA ARG A 27 -6.77 -5.76 3.49
C ARG A 27 -5.41 -5.09 3.68
N LEU A 28 -5.43 -3.81 4.02
CA LEU A 28 -4.20 -3.05 4.24
C LEU A 28 -3.24 -3.83 5.13
N ASN A 29 -3.71 -4.22 6.31
CA ASN A 29 -2.90 -4.96 7.26
C ASN A 29 -2.06 -6.01 6.54
N ARG A 30 -2.71 -6.84 5.72
CA ARG A 30 -2.02 -7.88 4.97
C ARG A 30 -1.02 -7.28 3.99
N HIS A 31 -1.40 -6.17 3.36
CA HIS A 31 -0.54 -5.50 2.40
C HIS A 31 0.77 -5.08 3.06
N SER A 32 0.69 -4.58 4.28
CA SER A 32 1.88 -4.14 5.01
C SER A 32 2.85 -5.29 5.20
N MET A 33 2.39 -6.52 4.96
CA MET A 33 3.23 -7.69 5.10
C MET A 33 4.00 -7.97 3.80
N VAL A 34 3.44 -7.54 2.69
CA VAL A 34 4.07 -7.73 1.39
C VAL A 34 5.33 -6.88 1.26
N HIS A 35 5.42 -5.84 2.08
CA HIS A 35 6.57 -4.94 2.06
C HIS A 35 7.80 -5.63 2.65
N THR A 36 7.56 -6.63 3.50
CA THR A 36 8.65 -7.36 4.14
C THR A 36 8.77 -8.77 3.57
N ALA A 37 8.38 -8.92 2.31
CA ALA A 37 8.45 -10.23 1.63
C ALA A 37 9.64 -10.29 0.69
N GLU A 38 10.84 -10.25 1.25
CA GLU A 38 12.07 -10.31 0.45
C GLU A 38 13.10 -11.22 1.10
N LYS A 39 14.02 -11.74 0.29
CA LYS A 39 15.07 -12.62 0.78
C LYS A 39 15.88 -11.94 1.87
N PRO A 40 16.19 -12.71 2.93
CA PRO A 40 16.98 -12.21 4.07
C PRO A 40 18.42 -11.94 3.71
N SER A 41 18.71 -10.70 3.31
CA SER A 41 20.07 -10.32 2.93
C SER A 41 20.15 -8.82 2.65
N GLY A 42 21.37 -8.30 2.61
CA GLY A 42 21.57 -6.89 2.35
C GLY A 42 22.04 -6.13 3.57
N PRO A 43 22.42 -4.86 3.38
CA PRO A 43 22.90 -4.00 4.47
C PRO A 43 21.79 -3.61 5.43
N SER A 44 22.15 -3.39 6.68
CA SER A 44 21.18 -3.01 7.71
C SER A 44 20.45 -1.73 7.32
N SER A 45 21.22 -0.73 6.89
CA SER A 45 20.65 0.55 6.50
C SER A 45 19.36 0.36 5.71
N GLY A 46 18.31 1.05 6.14
CA GLY A 46 17.03 0.94 5.46
C GLY A 46 17.16 1.08 3.96
ZN ZN B . 2.28 -0.25 1.18
N GLY A 1 0.06 19.58 1.80
CA GLY A 1 0.02 18.37 2.61
C GLY A 1 1.14 17.41 2.28
N SER A 2 1.48 16.56 3.23
CA SER A 2 2.56 15.58 3.04
C SER A 2 2.37 14.83 1.73
N SER A 3 1.16 14.33 1.51
CA SER A 3 0.85 13.58 0.30
C SER A 3 0.47 14.52 -0.84
N GLY A 4 1.48 15.08 -1.50
CA GLY A 4 1.22 16.00 -2.60
C GLY A 4 0.25 17.09 -2.23
N SER A 5 -0.72 17.34 -3.11
CA SER A 5 -1.72 18.38 -2.88
C SER A 5 -3.12 17.85 -3.19
N SER A 6 -3.27 17.25 -4.36
CA SER A 6 -4.56 16.71 -4.78
C SER A 6 -5.03 15.61 -3.82
N GLY A 7 -6.11 15.89 -3.10
CA GLY A 7 -6.64 14.92 -2.16
C GLY A 7 -8.02 15.29 -1.66
N THR A 8 -9.04 14.80 -2.36
CA THR A 8 -10.42 15.08 -1.99
C THR A 8 -11.13 13.82 -1.50
N GLY A 9 -10.92 12.72 -2.20
CA GLY A 9 -11.55 11.47 -1.83
C GLY A 9 -10.53 10.39 -1.50
N GLU A 10 -10.43 10.03 -0.23
CA GLU A 10 -9.48 9.01 0.20
C GLU A 10 -10.18 7.94 1.05
N LYS A 11 -9.49 6.84 1.29
CA LYS A 11 -10.04 5.75 2.09
C LYS A 11 -9.81 5.99 3.58
N PRO A 12 -10.59 5.29 4.41
CA PRO A 12 -10.50 5.41 5.87
C PRO A 12 -9.20 4.82 6.42
N PHE A 13 -8.33 4.37 5.51
CA PHE A 13 -7.05 3.78 5.91
C PHE A 13 -5.94 4.22 4.96
N LYS A 14 -4.70 3.94 5.34
CA LYS A 14 -3.55 4.30 4.53
C LYS A 14 -2.31 3.51 4.96
N CYS A 15 -1.44 3.23 4.00
CA CYS A 15 -0.21 2.49 4.28
C CYS A 15 0.85 3.38 4.92
N ASP A 16 1.97 2.79 5.30
CA ASP A 16 3.06 3.54 5.92
C ASP A 16 4.33 3.44 5.09
N ILE A 17 4.41 2.41 4.26
CA ILE A 17 5.57 2.19 3.41
C ILE A 17 5.40 2.88 2.06
N CYS A 18 4.23 2.69 1.46
CA CYS A 18 3.94 3.28 0.16
C CYS A 18 2.74 4.21 0.25
N GLY A 19 2.12 4.26 1.43
CA GLY A 19 0.96 5.12 1.62
C GLY A 19 -0.30 4.54 0.98
N LYS A 20 -0.20 3.32 0.49
CA LYS A 20 -1.34 2.66 -0.15
C LYS A 20 -2.56 2.69 0.75
N SER A 21 -3.71 3.00 0.17
CA SER A 21 -4.96 3.08 0.92
C SER A 21 -5.76 1.79 0.75
N PHE A 22 -6.71 1.57 1.66
CA PHE A 22 -7.55 0.38 1.62
C PHE A 22 -8.88 0.63 2.32
N CYS A 23 -9.96 0.63 1.54
CA CYS A 23 -11.29 0.86 2.08
C CYS A 23 -11.52 0.04 3.34
N GLY A 24 -10.76 -1.04 3.48
CA GLY A 24 -10.89 -1.89 4.65
C GLY A 24 -9.55 -2.41 5.15
N ARG A 25 -9.16 -1.98 6.35
CA ARG A 25 -7.90 -2.41 6.93
C ARG A 25 -7.64 -3.90 6.66
N SER A 26 -8.68 -4.70 6.79
CA SER A 26 -8.56 -6.14 6.57
C SER A 26 -7.56 -6.44 5.46
N ARG A 27 -7.56 -5.58 4.44
CA ARG A 27 -6.64 -5.76 3.31
C ARG A 27 -5.30 -5.10 3.59
N LEU A 28 -5.33 -3.82 3.93
CA LEU A 28 -4.11 -3.07 4.23
C LEU A 28 -3.21 -3.86 5.17
N ASN A 29 -3.73 -4.23 6.33
CA ASN A 29 -2.97 -4.99 7.31
C ASN A 29 -2.11 -6.04 6.63
N ARG A 30 -2.73 -6.86 5.79
CA ARG A 30 -2.01 -7.91 5.08
C ARG A 30 -1.01 -7.32 4.09
N HIS A 31 -1.40 -6.22 3.44
CA HIS A 31 -0.54 -5.55 2.48
C HIS A 31 0.77 -5.11 3.14
N SER A 32 0.67 -4.59 4.36
CA SER A 32 1.84 -4.13 5.08
C SER A 32 2.84 -5.27 5.29
N MET A 33 2.38 -6.50 5.07
CA MET A 33 3.23 -7.67 5.24
C MET A 33 4.02 -7.95 3.96
N VAL A 34 3.47 -7.53 2.82
CA VAL A 34 4.13 -7.74 1.54
C VAL A 34 5.38 -6.89 1.43
N HIS A 35 5.47 -5.84 2.24
CA HIS A 35 6.62 -4.95 2.22
C HIS A 35 7.83 -5.62 2.88
N THR A 36 7.56 -6.57 3.76
CA THR A 36 8.62 -7.29 4.47
C THR A 36 8.75 -8.72 3.96
N ALA A 37 8.33 -8.94 2.72
CA ALA A 37 8.40 -10.26 2.12
C ALA A 37 9.81 -10.57 1.64
N GLU A 38 10.68 -10.94 2.56
CA GLU A 38 12.07 -11.26 2.23
C GLU A 38 12.47 -12.61 2.81
N LYS A 39 13.07 -13.46 1.97
CA LYS A 39 13.50 -14.78 2.40
C LYS A 39 14.92 -14.74 2.95
N PRO A 40 15.25 -15.71 3.82
CA PRO A 40 16.58 -15.81 4.43
C PRO A 40 17.66 -16.20 3.43
N SER A 41 17.26 -16.35 2.16
CA SER A 41 18.19 -16.73 1.11
C SER A 41 18.23 -15.67 0.01
N GLY A 42 19.41 -15.15 -0.26
CA GLY A 42 19.56 -14.13 -1.27
C GLY A 42 20.44 -12.98 -0.83
N PRO A 43 20.35 -11.85 -1.55
CA PRO A 43 21.14 -10.65 -1.23
C PRO A 43 20.69 -9.99 0.05
N SER A 44 21.65 -9.44 0.81
CA SER A 44 21.34 -8.79 2.07
C SER A 44 20.55 -7.51 1.84
N SER A 45 20.09 -6.91 2.93
CA SER A 45 19.30 -5.68 2.84
C SER A 45 20.19 -4.45 3.05
N GLY A 46 20.24 -3.57 2.05
CA GLY A 46 21.06 -2.38 2.15
C GLY A 46 20.22 -1.13 2.37
ZN ZN B . 2.30 -0.31 1.16
N GLY A 1 -21.83 1.23 -20.32
CA GLY A 1 -20.88 1.13 -19.22
C GLY A 1 -21.51 1.47 -17.88
N SER A 2 -20.73 1.32 -16.81
CA SER A 2 -21.21 1.63 -15.47
C SER A 2 -21.88 2.99 -15.42
N SER A 3 -22.58 3.27 -14.32
CA SER A 3 -23.27 4.54 -14.15
C SER A 3 -23.70 4.73 -12.71
N GLY A 4 -23.64 5.97 -12.23
CA GLY A 4 -24.03 6.27 -10.87
C GLY A 4 -22.84 6.59 -9.98
N SER A 5 -22.37 7.83 -10.06
CA SER A 5 -21.24 8.27 -9.26
C SER A 5 -21.66 8.57 -7.83
N SER A 6 -20.86 8.10 -6.87
CA SER A 6 -21.16 8.32 -5.46
C SER A 6 -20.52 9.60 -4.96
N GLY A 7 -19.22 9.75 -5.21
CA GLY A 7 -18.50 10.93 -4.78
C GLY A 7 -17.00 10.82 -4.97
N THR A 8 -16.24 11.47 -4.11
CA THR A 8 -14.79 11.44 -4.19
C THR A 8 -14.16 11.54 -2.81
N GLY A 9 -12.91 11.10 -2.70
CA GLY A 9 -12.22 11.17 -1.42
C GLY A 9 -11.30 9.98 -1.20
N GLU A 10 -10.44 10.07 -0.20
CA GLU A 10 -9.49 9.00 0.10
C GLU A 10 -10.14 7.94 0.99
N LYS A 11 -9.50 6.77 1.07
CA LYS A 11 -10.01 5.69 1.89
C LYS A 11 -9.81 5.97 3.38
N PRO A 12 -10.60 5.31 4.22
CA PRO A 12 -10.53 5.47 5.67
C PRO A 12 -9.24 4.88 6.26
N PHE A 13 -8.36 4.40 5.39
CA PHE A 13 -7.11 3.81 5.81
C PHE A 13 -5.97 4.22 4.88
N LYS A 14 -4.74 3.97 5.32
CA LYS A 14 -3.56 4.32 4.53
C LYS A 14 -2.35 3.52 4.97
N CYS A 15 -1.45 3.23 4.04
CA CYS A 15 -0.24 2.48 4.34
C CYS A 15 0.81 3.36 5.01
N ASP A 16 1.93 2.76 5.39
CA ASP A 16 3.01 3.49 6.04
C ASP A 16 4.29 3.41 5.22
N ILE A 17 4.40 2.37 4.39
CA ILE A 17 5.57 2.17 3.56
C ILE A 17 5.41 2.86 2.21
N CYS A 18 4.27 2.65 1.58
CA CYS A 18 3.99 3.26 0.28
C CYS A 18 2.78 4.19 0.37
N GLY A 19 2.15 4.24 1.54
CA GLY A 19 1.00 5.09 1.73
C GLY A 19 -0.24 4.53 1.06
N LYS A 20 -0.16 3.29 0.59
CA LYS A 20 -1.29 2.65 -0.08
C LYS A 20 -2.54 2.69 0.79
N SER A 21 -3.67 3.05 0.18
CA SER A 21 -4.93 3.12 0.91
C SER A 21 -5.75 1.85 0.71
N PHE A 22 -6.66 1.59 1.64
CA PHE A 22 -7.51 0.41 1.58
C PHE A 22 -8.84 0.66 2.27
N CYS A 23 -9.93 0.59 1.50
CA CYS A 23 -11.27 0.80 2.05
C CYS A 23 -11.46 0.03 3.35
N GLY A 24 -10.75 -1.09 3.48
CA GLY A 24 -10.85 -1.90 4.68
C GLY A 24 -9.50 -2.36 5.19
N ARG A 25 -9.19 -2.03 6.44
CA ARG A 25 -7.92 -2.42 7.04
C ARG A 25 -7.65 -3.90 6.82
N SER A 26 -8.68 -4.73 7.01
CA SER A 26 -8.56 -6.16 6.85
C SER A 26 -7.61 -6.50 5.70
N ARG A 27 -7.59 -5.64 4.68
CA ARG A 27 -6.73 -5.84 3.52
C ARG A 27 -5.38 -5.15 3.72
N LEU A 28 -5.42 -3.86 4.04
CA LEU A 28 -4.20 -3.10 4.26
C LEU A 28 -3.24 -3.84 5.18
N ASN A 29 -3.73 -4.18 6.36
CA ASN A 29 -2.91 -4.90 7.34
C ASN A 29 -2.07 -5.97 6.66
N ARG A 30 -2.71 -6.80 5.84
CA ARG A 30 -2.03 -7.86 5.13
C ARG A 30 -1.03 -7.29 4.12
N HIS A 31 -1.43 -6.22 3.46
CA HIS A 31 -0.57 -5.57 2.47
C HIS A 31 0.76 -5.16 3.09
N SER A 32 0.70 -4.62 4.30
CA SER A 32 1.90 -4.17 5.00
C SER A 32 2.90 -5.32 5.15
N MET A 33 2.43 -6.54 4.92
CA MET A 33 3.28 -7.72 5.03
C MET A 33 4.04 -7.96 3.73
N VAL A 34 3.47 -7.49 2.62
CA VAL A 34 4.10 -7.65 1.32
C VAL A 34 5.36 -6.79 1.20
N HIS A 35 5.46 -5.77 2.06
CA HIS A 35 6.61 -4.88 2.05
C HIS A 35 7.83 -5.56 2.65
N THR A 36 7.59 -6.58 3.47
CA THR A 36 8.67 -7.32 4.10
C THR A 36 8.71 -8.77 3.62
N ALA A 37 8.21 -9.00 2.41
CA ALA A 37 8.19 -10.34 1.83
C ALA A 37 9.52 -10.67 1.16
N GLU A 38 10.62 -10.34 1.84
CA GLU A 38 11.94 -10.61 1.30
C GLU A 38 12.35 -12.06 1.54
N LYS A 39 11.44 -12.97 1.23
CA LYS A 39 11.70 -14.40 1.40
C LYS A 39 13.10 -14.77 0.92
N PRO A 40 13.67 -15.83 1.51
CA PRO A 40 15.01 -16.30 1.15
C PRO A 40 15.05 -16.93 -0.23
N SER A 41 13.89 -17.35 -0.72
CA SER A 41 13.79 -17.97 -2.04
C SER A 41 13.87 -16.92 -3.15
N GLY A 42 15.04 -16.83 -3.78
CA GLY A 42 15.22 -15.87 -4.85
C GLY A 42 16.68 -15.70 -5.23
N PRO A 43 16.92 -15.07 -6.39
CA PRO A 43 18.28 -14.83 -6.90
C PRO A 43 19.03 -13.81 -6.07
N SER A 44 20.35 -13.74 -6.27
CA SER A 44 21.19 -12.79 -5.53
C SER A 44 21.29 -11.48 -6.28
N SER A 45 21.80 -11.54 -7.52
CA SER A 45 21.96 -10.34 -8.34
C SER A 45 20.71 -9.47 -8.30
N GLY A 46 19.55 -10.12 -8.41
CA GLY A 46 18.29 -9.40 -8.38
C GLY A 46 18.06 -8.68 -7.08
ZN ZN B . 2.27 -0.30 1.26
N GLY A 1 -20.07 22.03 -14.81
CA GLY A 1 -19.22 21.55 -15.89
C GLY A 1 -18.33 20.41 -15.45
N SER A 2 -18.17 19.41 -16.31
CA SER A 2 -17.32 18.26 -16.00
C SER A 2 -15.87 18.54 -16.37
N SER A 3 -15.40 19.74 -16.06
CA SER A 3 -14.03 20.13 -16.36
C SER A 3 -13.15 20.02 -15.12
N GLY A 4 -12.11 19.22 -15.21
CA GLY A 4 -11.20 19.04 -14.09
C GLY A 4 -11.91 19.11 -12.75
N SER A 5 -12.85 18.19 -12.54
CA SER A 5 -13.61 18.15 -11.30
C SER A 5 -12.84 17.41 -10.21
N SER A 6 -12.12 18.16 -9.38
CA SER A 6 -11.34 17.58 -8.29
C SER A 6 -12.08 17.69 -6.97
N GLY A 7 -11.80 16.75 -6.07
CA GLY A 7 -12.45 16.76 -4.77
C GLY A 7 -11.90 15.69 -3.84
N THR A 8 -12.34 15.72 -2.59
CA THR A 8 -11.88 14.75 -1.60
C THR A 8 -12.21 13.32 -2.02
N GLY A 9 -11.21 12.46 -2.02
CA GLY A 9 -11.41 11.08 -2.41
C GLY A 9 -10.34 10.16 -1.87
N GLU A 10 -10.44 9.84 -0.57
CA GLU A 10 -9.47 8.96 0.06
C GLU A 10 -10.17 7.90 0.91
N LYS A 11 -9.45 6.82 1.21
CA LYS A 11 -10.01 5.73 2.00
C LYS A 11 -9.81 5.98 3.49
N PRO A 12 -10.59 5.28 4.32
CA PRO A 12 -10.51 5.42 5.77
C PRO A 12 -9.22 4.83 6.35
N PHE A 13 -8.34 4.38 5.46
CA PHE A 13 -7.08 3.79 5.87
C PHE A 13 -5.96 4.20 4.93
N LYS A 14 -4.72 3.97 5.35
CA LYS A 14 -3.55 4.32 4.54
C LYS A 14 -2.33 3.52 4.98
N CYS A 15 -1.43 3.24 4.04
CA CYS A 15 -0.22 2.49 4.33
C CYS A 15 0.83 3.38 4.99
N ASP A 16 1.94 2.78 5.39
CA ASP A 16 3.03 3.51 6.03
C ASP A 16 4.31 3.41 5.21
N ILE A 17 4.40 2.39 4.37
CA ILE A 17 5.57 2.18 3.53
C ILE A 17 5.42 2.87 2.19
N CYS A 18 4.25 2.69 1.56
CA CYS A 18 3.98 3.30 0.27
C CYS A 18 2.78 4.24 0.35
N GLY A 19 2.14 4.27 1.52
CA GLY A 19 0.99 5.13 1.71
C GLY A 19 -0.26 4.56 1.05
N LYS A 20 -0.16 3.34 0.55
CA LYS A 20 -1.29 2.69 -0.11
C LYS A 20 -2.53 2.72 0.78
N SER A 21 -3.67 3.04 0.19
CA SER A 21 -4.93 3.10 0.92
C SER A 21 -5.73 1.83 0.74
N PHE A 22 -6.67 1.59 1.65
CA PHE A 22 -7.51 0.40 1.60
C PHE A 22 -8.84 0.65 2.30
N CYS A 23 -9.92 0.61 1.52
CA CYS A 23 -11.26 0.83 2.06
C CYS A 23 -11.45 0.05 3.35
N GLY A 24 -10.76 -1.08 3.46
CA GLY A 24 -10.88 -1.90 4.66
C GLY A 24 -9.52 -2.36 5.18
N ARG A 25 -9.23 -2.02 6.44
CA ARG A 25 -7.96 -2.40 7.04
C ARG A 25 -7.67 -3.88 6.80
N SER A 26 -8.66 -4.73 7.04
CA SER A 26 -8.50 -6.16 6.86
C SER A 26 -7.56 -6.47 5.69
N ARG A 27 -7.61 -5.62 4.67
CA ARG A 27 -6.76 -5.80 3.50
C ARG A 27 -5.40 -5.13 3.70
N LEU A 28 -5.43 -3.84 4.01
CA LEU A 28 -4.20 -3.08 4.23
C LEU A 28 -3.24 -3.84 5.14
N ASN A 29 -3.74 -4.22 6.32
CA ASN A 29 -2.93 -4.97 7.28
C ASN A 29 -2.08 -6.02 6.58
N ARG A 30 -2.72 -6.84 5.77
CA ARG A 30 -2.02 -7.90 5.04
C ARG A 30 -1.02 -7.30 4.04
N HIS A 31 -1.41 -6.21 3.40
CA HIS A 31 -0.56 -5.54 2.43
C HIS A 31 0.76 -5.11 3.07
N SER A 32 0.68 -4.60 4.30
CA SER A 32 1.87 -4.15 5.02
C SER A 32 2.86 -5.29 5.19
N MET A 33 2.39 -6.51 4.96
CA MET A 33 3.25 -7.69 5.09
C MET A 33 4.02 -7.94 3.80
N VAL A 34 3.46 -7.51 2.68
CA VAL A 34 4.09 -7.68 1.38
C VAL A 34 5.36 -6.84 1.27
N HIS A 35 5.45 -5.81 2.10
CA HIS A 35 6.61 -4.93 2.09
C HIS A 35 7.82 -5.62 2.70
N THR A 36 7.57 -6.60 3.56
CA THR A 36 8.64 -7.33 4.22
C THR A 36 8.82 -8.71 3.59
N ALA A 37 7.78 -9.19 2.93
CA ALA A 37 7.81 -10.51 2.29
C ALA A 37 8.45 -10.41 0.90
N GLU A 38 9.51 -9.62 0.80
CA GLU A 38 10.22 -9.45 -0.47
C GLU A 38 11.38 -10.43 -0.58
N LYS A 39 11.30 -11.31 -1.57
CA LYS A 39 12.35 -12.31 -1.79
C LYS A 39 13.73 -11.68 -1.66
N PRO A 40 14.74 -12.51 -1.36
CA PRO A 40 16.12 -12.07 -1.21
C PRO A 40 16.74 -11.63 -2.54
N SER A 41 15.94 -11.66 -3.60
CA SER A 41 16.42 -11.28 -4.92
C SER A 41 17.43 -10.15 -4.82
N GLY A 42 18.43 -10.19 -5.70
CA GLY A 42 19.46 -9.17 -5.71
C GLY A 42 19.33 -8.22 -6.88
N PRO A 43 19.81 -6.98 -6.69
CA PRO A 43 19.76 -5.96 -7.74
C PRO A 43 20.70 -6.25 -8.90
N SER A 44 21.37 -7.40 -8.82
CA SER A 44 22.31 -7.81 -9.87
C SER A 44 21.83 -7.34 -11.25
N SER A 45 20.54 -7.51 -11.51
CA SER A 45 19.95 -7.10 -12.78
C SER A 45 19.16 -5.80 -12.63
N GLY A 46 19.86 -4.67 -12.78
CA GLY A 46 19.20 -3.39 -12.65
C GLY A 46 18.80 -3.07 -11.23
ZN ZN B . 2.31 -0.28 1.22
N GLY A 1 -20.04 17.55 -15.08
CA GLY A 1 -20.99 16.53 -15.47
C GLY A 1 -20.85 15.27 -14.64
N SER A 2 -20.86 14.12 -15.31
CA SER A 2 -20.75 12.83 -14.62
C SER A 2 -19.30 12.54 -14.26
N SER A 3 -18.45 12.44 -15.28
CA SER A 3 -17.04 12.16 -15.07
C SER A 3 -16.16 13.16 -15.83
N GLY A 4 -14.90 13.26 -15.43
CA GLY A 4 -13.98 14.18 -16.09
C GLY A 4 -12.55 13.99 -15.63
N SER A 5 -12.04 12.77 -15.74
CA SER A 5 -10.68 12.46 -15.33
C SER A 5 -10.35 13.15 -14.00
N SER A 6 -11.30 13.10 -13.07
CA SER A 6 -11.11 13.72 -11.77
C SER A 6 -10.53 12.71 -10.77
N GLY A 7 -10.25 13.17 -9.55
CA GLY A 7 -9.70 12.31 -8.53
C GLY A 7 -9.92 12.85 -7.13
N THR A 8 -11.01 12.41 -6.50
CA THR A 8 -11.34 12.84 -5.16
C THR A 8 -11.88 11.70 -4.32
N GLY A 9 -11.81 11.85 -3.00
CA GLY A 9 -12.30 10.81 -2.10
C GLY A 9 -11.23 9.80 -1.75
N GLU A 10 -10.80 9.81 -0.49
CA GLU A 10 -9.77 8.90 -0.03
C GLU A 10 -10.37 7.80 0.85
N LYS A 11 -9.56 6.79 1.15
CA LYS A 11 -10.02 5.68 1.98
C LYS A 11 -9.78 5.96 3.46
N PRO A 12 -10.57 5.31 4.32
CA PRO A 12 -10.47 5.48 5.78
C PRO A 12 -9.18 4.88 6.34
N PHE A 13 -8.32 4.39 5.45
CA PHE A 13 -7.06 3.79 5.86
C PHE A 13 -5.93 4.21 4.93
N LYS A 14 -4.69 3.97 5.35
CA LYS A 14 -3.52 4.32 4.56
C LYS A 14 -2.30 3.53 5.00
N CYS A 15 -1.41 3.26 4.06
CA CYS A 15 -0.19 2.50 4.35
C CYS A 15 0.86 3.39 5.00
N ASP A 16 1.98 2.79 5.39
CA ASP A 16 3.06 3.52 6.03
C ASP A 16 4.34 3.41 5.21
N ILE A 17 4.43 2.37 4.40
CA ILE A 17 5.61 2.14 3.57
C ILE A 17 5.46 2.83 2.21
N CYS A 18 4.31 2.65 1.58
CA CYS A 18 4.04 3.26 0.29
C CYS A 18 2.85 4.21 0.36
N GLY A 19 2.21 4.24 1.53
CA GLY A 19 1.05 5.10 1.71
C GLY A 19 -0.20 4.55 1.05
N LYS A 20 -0.12 3.31 0.58
CA LYS A 20 -1.25 2.66 -0.07
C LYS A 20 -2.50 2.71 0.80
N SER A 21 -3.63 3.07 0.20
CA SER A 21 -4.88 3.16 0.93
C SER A 21 -5.72 1.91 0.71
N PHE A 22 -6.62 1.64 1.65
CA PHE A 22 -7.49 0.47 1.57
C PHE A 22 -8.82 0.73 2.28
N CYS A 23 -9.91 0.63 1.54
CA CYS A 23 -11.24 0.86 2.10
C CYS A 23 -11.42 0.09 3.40
N GLY A 24 -10.75 -1.06 3.50
CA GLY A 24 -10.85 -1.88 4.69
C GLY A 24 -9.49 -2.34 5.20
N ARG A 25 -9.22 -2.08 6.47
CA ARG A 25 -7.95 -2.47 7.07
C ARG A 25 -7.66 -3.95 6.82
N SER A 26 -8.67 -4.80 7.02
CA SER A 26 -8.52 -6.23 6.81
C SER A 26 -7.62 -6.52 5.61
N ARG A 27 -7.63 -5.60 4.65
CA ARG A 27 -6.81 -5.75 3.45
C ARG A 27 -5.45 -5.10 3.63
N LEU A 28 -5.46 -3.82 4.01
CA LEU A 28 -4.22 -3.07 4.21
C LEU A 28 -3.26 -3.85 5.12
N ASN A 29 -3.72 -4.17 6.32
CA ASN A 29 -2.91 -4.91 7.28
C ASN A 29 -2.07 -5.96 6.58
N ARG A 30 -2.72 -6.80 5.77
CA ARG A 30 -2.04 -7.85 5.04
C ARG A 30 -1.03 -7.27 4.06
N HIS A 31 -1.42 -6.19 3.39
CA HIS A 31 -0.55 -5.53 2.43
C HIS A 31 0.77 -5.11 3.07
N SER A 32 0.67 -4.58 4.29
CA SER A 32 1.85 -4.14 5.02
C SER A 32 2.84 -5.27 5.20
N MET A 33 2.39 -6.49 4.96
CA MET A 33 3.23 -7.68 5.10
C MET A 33 4.01 -7.94 3.81
N VAL A 34 3.44 -7.54 2.69
CA VAL A 34 4.08 -7.73 1.39
C VAL A 34 5.35 -6.89 1.27
N HIS A 35 5.43 -5.84 2.08
CA HIS A 35 6.58 -4.95 2.07
C HIS A 35 7.80 -5.64 2.66
N THR A 36 7.56 -6.61 3.55
CA THR A 36 8.64 -7.35 4.20
C THR A 36 8.70 -8.78 3.69
N ALA A 37 8.27 -8.99 2.45
CA ALA A 37 8.28 -10.31 1.85
C ALA A 37 9.54 -10.52 1.00
N GLU A 38 10.66 -10.01 1.50
CA GLU A 38 11.93 -10.15 0.80
C GLU A 38 12.97 -10.79 1.69
N LYS A 39 12.89 -12.12 1.83
CA LYS A 39 13.83 -12.86 2.65
C LYS A 39 15.27 -12.47 2.33
N PRO A 40 16.16 -12.64 3.31
CA PRO A 40 17.59 -12.30 3.16
C PRO A 40 18.30 -13.25 2.21
N SER A 41 17.56 -14.21 1.67
CA SER A 41 18.12 -15.19 0.75
C SER A 41 19.18 -14.55 -0.15
N GLY A 42 18.80 -13.47 -0.81
CA GLY A 42 19.72 -12.79 -1.70
C GLY A 42 19.05 -12.24 -2.94
N PRO A 43 19.57 -11.11 -3.46
CA PRO A 43 19.02 -10.47 -4.65
C PRO A 43 19.27 -11.28 -5.92
N SER A 44 18.21 -11.52 -6.69
CA SER A 44 18.32 -12.28 -7.93
C SER A 44 18.48 -11.36 -9.13
N SER A 45 19.34 -10.34 -8.98
CA SER A 45 19.58 -9.40 -10.06
C SER A 45 21.03 -9.45 -10.53
N GLY A 46 21.22 -9.94 -11.75
CA GLY A 46 22.56 -10.04 -12.29
C GLY A 46 23.43 -8.85 -11.95
ZN ZN B . 2.25 -0.28 1.22
N GLY A 1 -5.23 11.14 -23.48
CA GLY A 1 -5.93 12.34 -23.08
C GLY A 1 -6.87 12.10 -21.91
N SER A 2 -6.30 11.90 -20.72
CA SER A 2 -7.09 11.66 -19.53
C SER A 2 -8.13 12.75 -19.33
N SER A 3 -9.30 12.37 -18.83
CA SER A 3 -10.38 13.33 -18.59
C SER A 3 -10.47 13.68 -17.11
N GLY A 4 -11.35 14.63 -16.79
CA GLY A 4 -11.52 15.05 -15.41
C GLY A 4 -12.02 13.93 -14.52
N SER A 5 -11.12 13.37 -13.72
CA SER A 5 -11.48 12.29 -12.81
C SER A 5 -12.71 12.65 -11.99
N SER A 6 -12.69 13.85 -11.41
CA SER A 6 -13.81 14.31 -10.59
C SER A 6 -14.14 13.29 -9.50
N GLY A 7 -13.11 12.75 -8.88
CA GLY A 7 -13.31 11.77 -7.83
C GLY A 7 -12.47 12.06 -6.59
N THR A 8 -13.06 12.79 -5.65
CA THR A 8 -12.37 13.14 -4.41
C THR A 8 -12.86 12.29 -3.24
N GLY A 9 -11.92 11.80 -2.45
CA GLY A 9 -12.29 10.98 -1.30
C GLY A 9 -11.32 9.83 -1.09
N GLU A 10 -10.39 10.00 -0.16
CA GLU A 10 -9.41 8.96 0.13
C GLU A 10 -9.99 7.92 1.09
N LYS A 11 -9.53 6.68 0.94
CA LYS A 11 -10.01 5.60 1.80
C LYS A 11 -9.81 5.92 3.27
N PRO A 12 -10.60 5.28 4.14
CA PRO A 12 -10.53 5.49 5.59
C PRO A 12 -9.25 4.92 6.20
N PHE A 13 -8.37 4.43 5.33
CA PHE A 13 -7.10 3.85 5.78
C PHE A 13 -5.95 4.26 4.86
N LYS A 14 -4.74 4.01 5.31
CA LYS A 14 -3.55 4.35 4.53
C LYS A 14 -2.35 3.53 4.97
N CYS A 15 -1.44 3.28 4.04
CA CYS A 15 -0.24 2.49 4.33
C CYS A 15 0.82 3.36 5.01
N ASP A 16 1.91 2.72 5.43
CA ASP A 16 2.99 3.44 6.10
C ASP A 16 4.28 3.36 5.27
N ILE A 17 4.36 2.35 4.41
CA ILE A 17 5.54 2.16 3.57
C ILE A 17 5.38 2.89 2.23
N CYS A 18 4.25 2.67 1.58
CA CYS A 18 3.98 3.31 0.30
C CYS A 18 2.76 4.23 0.40
N GLY A 19 2.14 4.27 1.57
CA GLY A 19 0.98 5.11 1.78
C GLY A 19 -0.27 4.54 1.12
N LYS A 20 -0.15 3.33 0.57
CA LYS A 20 -1.28 2.69 -0.09
C LYS A 20 -2.53 2.74 0.78
N SER A 21 -3.66 3.08 0.17
CA SER A 21 -4.92 3.18 0.89
C SER A 21 -5.76 1.92 0.68
N PHE A 22 -6.62 1.63 1.65
CA PHE A 22 -7.48 0.45 1.57
C PHE A 22 -8.81 0.70 2.26
N CYS A 23 -9.90 0.54 1.52
CA CYS A 23 -11.25 0.75 2.05
C CYS A 23 -11.42 0.01 3.38
N GLY A 24 -10.74 -1.12 3.51
CA GLY A 24 -10.84 -1.90 4.73
C GLY A 24 -9.48 -2.34 5.25
N ARG A 25 -9.22 -2.08 6.52
CA ARG A 25 -7.94 -2.46 7.13
C ARG A 25 -7.65 -3.94 6.91
N SER A 26 -8.66 -4.77 7.12
CA SER A 26 -8.51 -6.21 6.93
C SER A 26 -7.59 -6.52 5.75
N ARG A 27 -7.59 -5.64 4.77
CA ARG A 27 -6.77 -5.82 3.59
C ARG A 27 -5.41 -5.13 3.76
N LEU A 28 -5.45 -3.83 4.05
CA LEU A 28 -4.22 -3.06 4.25
C LEU A 28 -3.25 -3.81 5.16
N ASN A 29 -3.73 -4.21 6.33
CA ASN A 29 -2.90 -4.94 7.28
C ASN A 29 -2.06 -6.00 6.58
N ARG A 30 -2.72 -6.83 5.78
CA ARG A 30 -2.02 -7.89 5.05
C ARG A 30 -1.03 -7.31 4.05
N HIS A 31 -1.42 -6.20 3.41
CA HIS A 31 -0.57 -5.55 2.43
C HIS A 31 0.76 -5.13 3.06
N SER A 32 0.70 -4.60 4.27
CA SER A 32 1.90 -4.15 4.98
C SER A 32 2.90 -5.30 5.11
N MET A 33 2.41 -6.53 4.94
CA MET A 33 3.27 -7.70 5.04
C MET A 33 4.02 -7.93 3.73
N VAL A 34 3.44 -7.50 2.63
CA VAL A 34 4.05 -7.66 1.31
C VAL A 34 5.28 -6.77 1.17
N HIS A 35 5.43 -5.82 2.10
CA HIS A 35 6.55 -4.89 2.07
C HIS A 35 7.80 -5.55 2.65
N THR A 36 7.59 -6.59 3.45
CA THR A 36 8.71 -7.31 4.07
C THR A 36 8.79 -8.74 3.56
N ALA A 37 7.67 -9.27 3.09
CA ALA A 37 7.62 -10.63 2.57
C ALA A 37 7.99 -10.66 1.09
N GLU A 38 9.29 -10.60 0.81
CA GLU A 38 9.78 -10.62 -0.57
C GLU A 38 11.25 -11.01 -0.62
N LYS A 39 11.75 -11.23 -1.83
CA LYS A 39 13.15 -11.61 -2.02
C LYS A 39 14.06 -10.84 -1.05
N PRO A 40 15.26 -11.38 -0.82
CA PRO A 40 16.24 -10.77 0.08
C PRO A 40 16.82 -9.48 -0.49
N SER A 41 16.33 -9.08 -1.65
CA SER A 41 16.80 -7.86 -2.32
C SER A 41 17.18 -6.80 -1.28
N GLY A 42 16.30 -6.60 -0.30
CA GLY A 42 16.56 -5.62 0.73
C GLY A 42 15.51 -4.52 0.75
N PRO A 43 15.20 -4.01 1.96
CA PRO A 43 14.22 -2.94 2.13
C PRO A 43 14.70 -1.61 1.57
N SER A 44 13.76 -0.68 1.36
CA SER A 44 14.09 0.64 0.84
C SER A 44 15.20 0.54 -0.20
N SER A 45 15.12 -0.49 -1.05
CA SER A 45 16.12 -0.69 -2.09
C SER A 45 15.46 -0.87 -3.46
N GLY A 46 16.27 -0.88 -4.51
CA GLY A 46 15.74 -1.03 -5.84
C GLY A 46 16.75 -0.66 -6.91
ZN ZN B . 2.30 -0.26 1.22
N GLY A 1 -12.35 -3.36 -14.95
CA GLY A 1 -11.44 -2.28 -14.61
C GLY A 1 -12.16 -1.09 -14.01
N SER A 2 -12.18 -1.03 -12.68
CA SER A 2 -12.85 0.07 -11.98
C SER A 2 -12.47 1.41 -12.58
N SER A 3 -13.49 2.18 -12.97
CA SER A 3 -13.25 3.50 -13.56
C SER A 3 -14.47 4.39 -13.38
N GLY A 4 -14.23 5.64 -13.03
CA GLY A 4 -15.31 6.59 -12.82
C GLY A 4 -14.87 7.83 -12.07
N SER A 5 -14.76 8.94 -12.79
CA SER A 5 -14.33 10.21 -12.20
C SER A 5 -15.50 10.89 -11.50
N SER A 6 -16.26 10.13 -10.71
CA SER A 6 -17.40 10.67 -9.99
C SER A 6 -16.98 11.78 -9.04
N GLY A 7 -15.95 11.49 -8.23
CA GLY A 7 -15.46 12.48 -7.29
C GLY A 7 -15.39 11.94 -5.87
N THR A 8 -14.41 11.10 -5.60
CA THR A 8 -14.24 10.51 -4.28
C THR A 8 -12.90 10.90 -3.66
N GLY A 9 -12.92 11.23 -2.38
CA GLY A 9 -11.70 11.62 -1.69
C GLY A 9 -10.72 10.47 -1.56
N GLU A 10 -10.55 9.97 -0.34
CA GLU A 10 -9.62 8.87 -0.10
C GLU A 10 -10.28 7.80 0.77
N LYS A 11 -9.51 6.77 1.11
CA LYS A 11 -10.01 5.68 1.95
C LYS A 11 -9.80 5.97 3.42
N PRO A 12 -10.58 5.31 4.28
CA PRO A 12 -10.49 5.48 5.74
C PRO A 12 -9.21 4.89 6.31
N PHE A 13 -8.35 4.41 5.43
CA PHE A 13 -7.08 3.83 5.85
C PHE A 13 -5.95 4.24 4.92
N LYS A 14 -4.71 4.00 5.35
CA LYS A 14 -3.53 4.35 4.55
C LYS A 14 -2.33 3.54 4.98
N CYS A 15 -1.43 3.25 4.04
CA CYS A 15 -0.23 2.50 4.32
C CYS A 15 0.83 3.37 4.97
N ASP A 16 1.92 2.75 5.41
CA ASP A 16 3.01 3.48 6.05
C ASP A 16 4.30 3.34 5.23
N ILE A 17 4.36 2.31 4.41
CA ILE A 17 5.54 2.08 3.58
C ILE A 17 5.41 2.79 2.23
N CYS A 18 4.26 2.64 1.59
CA CYS A 18 4.01 3.27 0.31
C CYS A 18 2.81 4.22 0.38
N GLY A 19 2.15 4.24 1.54
CA GLY A 19 1.00 5.10 1.73
C GLY A 19 -0.24 4.55 1.07
N LYS A 20 -0.15 3.33 0.56
CA LYS A 20 -1.28 2.69 -0.10
C LYS A 20 -2.53 2.73 0.79
N SER A 21 -3.66 3.08 0.19
CA SER A 21 -4.92 3.17 0.93
C SER A 21 -5.74 1.89 0.73
N PHE A 22 -6.64 1.63 1.67
CA PHE A 22 -7.50 0.45 1.60
C PHE A 22 -8.82 0.70 2.30
N CYS A 23 -9.92 0.61 1.56
CA CYS A 23 -11.25 0.82 2.11
C CYS A 23 -11.43 0.06 3.41
N GLY A 24 -10.75 -1.08 3.52
CA GLY A 24 -10.85 -1.89 4.72
C GLY A 24 -9.49 -2.35 5.23
N ARG A 25 -9.21 -2.08 6.49
CA ARG A 25 -7.94 -2.47 7.09
C ARG A 25 -7.65 -3.95 6.83
N SER A 26 -8.66 -4.78 7.01
CA SER A 26 -8.51 -6.22 6.80
C SER A 26 -7.56 -6.50 5.63
N ARG A 27 -7.58 -5.61 4.65
CA ARG A 27 -6.72 -5.76 3.48
C ARG A 27 -5.37 -5.09 3.69
N LEU A 28 -5.40 -3.80 4.00
CA LEU A 28 -4.18 -3.04 4.23
C LEU A 28 -3.23 -3.81 5.14
N ASN A 29 -3.73 -4.19 6.31
CA ASN A 29 -2.93 -4.93 7.28
C ASN A 29 -2.07 -5.98 6.58
N ARG A 30 -2.70 -6.80 5.76
CA ARG A 30 -2.00 -7.85 5.04
C ARG A 30 -1.00 -7.26 4.05
N HIS A 31 -1.39 -6.16 3.41
CA HIS A 31 -0.54 -5.49 2.43
C HIS A 31 0.79 -5.08 3.07
N SER A 32 0.71 -4.60 4.31
CA SER A 32 1.90 -4.15 5.03
C SER A 32 2.88 -5.31 5.21
N MET A 33 2.40 -6.53 4.96
CA MET A 33 3.24 -7.72 5.09
C MET A 33 3.99 -7.99 3.81
N VAL A 34 3.45 -7.53 2.68
CA VAL A 34 4.07 -7.73 1.38
C VAL A 34 5.31 -6.85 1.23
N HIS A 35 5.41 -5.83 2.08
CA HIS A 35 6.54 -4.91 2.04
C HIS A 35 7.80 -5.57 2.62
N THR A 36 7.59 -6.54 3.49
CA THR A 36 8.70 -7.25 4.13
C THR A 36 8.85 -8.66 3.56
N ALA A 37 7.77 -9.19 3.01
CA ALA A 37 7.77 -10.53 2.44
C ALA A 37 8.27 -10.50 1.00
N GLU A 38 9.57 -10.35 0.83
CA GLU A 38 10.17 -10.30 -0.51
C GLU A 38 11.18 -11.44 -0.69
N LYS A 39 11.03 -12.17 -1.79
CA LYS A 39 11.93 -13.28 -2.08
C LYS A 39 13.21 -12.79 -2.76
N PRO A 40 14.34 -13.44 -2.45
CA PRO A 40 15.64 -13.08 -3.02
C PRO A 40 15.73 -13.42 -4.51
N SER A 41 15.41 -12.44 -5.35
CA SER A 41 15.46 -12.64 -6.79
C SER A 41 16.25 -11.52 -7.46
N GLY A 42 16.79 -11.81 -8.64
CA GLY A 42 17.57 -10.83 -9.37
C GLY A 42 18.00 -11.32 -10.73
N PRO A 43 18.07 -10.39 -11.71
CA PRO A 43 18.48 -10.73 -13.08
C PRO A 43 19.95 -11.08 -13.17
N SER A 44 20.26 -12.36 -13.00
CA SER A 44 21.64 -12.83 -13.06
C SER A 44 21.85 -13.76 -14.26
N SER A 45 22.48 -13.24 -15.31
CA SER A 45 22.74 -14.02 -16.51
C SER A 45 24.03 -13.59 -17.18
N GLY A 46 24.97 -14.52 -17.31
CA GLY A 46 26.25 -14.21 -17.92
C GLY A 46 26.79 -12.86 -17.50
ZN ZN B . 2.18 -0.27 1.16
N GLY A 1 -20.50 19.82 2.45
CA GLY A 1 -20.39 19.34 3.82
C GLY A 1 -20.96 20.32 4.83
N SER A 2 -20.33 20.38 5.99
CA SER A 2 -20.79 21.28 7.05
C SER A 2 -20.99 22.69 6.51
N SER A 3 -19.93 23.25 5.93
CA SER A 3 -19.98 24.60 5.37
C SER A 3 -19.41 24.64 3.96
N GLY A 4 -20.23 24.29 2.99
CA GLY A 4 -19.79 24.28 1.61
C GLY A 4 -18.36 23.81 1.46
N SER A 5 -18.03 22.70 2.11
CA SER A 5 -16.69 22.14 2.05
C SER A 5 -16.70 20.71 1.54
N SER A 6 -15.55 20.23 1.09
CA SER A 6 -15.44 18.87 0.57
C SER A 6 -15.56 17.84 1.70
N GLY A 7 -15.56 16.56 1.34
CA GLY A 7 -15.69 15.51 2.32
C GLY A 7 -15.07 14.21 1.85
N THR A 8 -15.54 13.71 0.71
CA THR A 8 -15.04 12.46 0.16
C THR A 8 -13.68 12.67 -0.50
N GLY A 9 -12.65 12.09 0.10
CA GLY A 9 -11.30 12.22 -0.45
C GLY A 9 -10.66 10.88 -0.72
N GLU A 10 -10.02 10.31 0.30
CA GLU A 10 -9.37 9.02 0.17
C GLU A 10 -10.00 7.98 1.09
N LYS A 11 -9.51 6.75 1.01
CA LYS A 11 -10.04 5.66 1.82
C LYS A 11 -9.85 5.96 3.30
N PRO A 12 -10.65 5.29 4.15
CA PRO A 12 -10.57 5.47 5.60
C PRO A 12 -9.29 4.88 6.21
N PHE A 13 -8.41 4.40 5.33
CA PHE A 13 -7.15 3.82 5.78
C PHE A 13 -6.01 4.23 4.85
N LYS A 14 -4.78 3.98 5.28
CA LYS A 14 -3.61 4.32 4.50
C LYS A 14 -2.40 3.50 4.94
N CYS A 15 -1.48 3.26 4.01
CA CYS A 15 -0.27 2.48 4.31
C CYS A 15 0.78 3.36 4.98
N ASP A 16 1.89 2.74 5.39
CA ASP A 16 2.97 3.48 6.04
C ASP A 16 4.26 3.38 5.22
N ILE A 17 4.35 2.34 4.39
CA ILE A 17 5.53 2.15 3.56
C ILE A 17 5.38 2.86 2.21
N CYS A 18 4.23 2.63 1.56
CA CYS A 18 3.96 3.25 0.27
C CYS A 18 2.76 4.19 0.36
N GLY A 19 2.13 4.23 1.52
CA GLY A 19 0.97 5.08 1.72
C GLY A 19 -0.27 4.54 1.05
N LYS A 20 -0.19 3.31 0.55
CA LYS A 20 -1.31 2.67 -0.12
C LYS A 20 -2.56 2.71 0.76
N SER A 21 -3.70 3.04 0.15
CA SER A 21 -4.96 3.12 0.87
C SER A 21 -5.77 1.84 0.68
N PHE A 22 -6.68 1.58 1.62
CA PHE A 22 -7.53 0.39 1.56
C PHE A 22 -8.87 0.64 2.24
N CYS A 23 -9.94 0.56 1.48
CA CYS A 23 -11.28 0.77 2.00
C CYS A 23 -11.49 0.00 3.31
N GLY A 24 -10.70 -1.06 3.48
CA GLY A 24 -10.80 -1.86 4.69
C GLY A 24 -9.45 -2.33 5.19
N ARG A 25 -9.16 -2.01 6.46
CA ARG A 25 -7.89 -2.40 7.06
C ARG A 25 -7.62 -3.89 6.85
N SER A 26 -8.64 -4.71 7.11
CA SER A 26 -8.50 -6.14 6.95
C SER A 26 -7.57 -6.49 5.80
N ARG A 27 -7.61 -5.67 4.75
CA ARG A 27 -6.76 -5.88 3.58
C ARG A 27 -5.42 -5.19 3.75
N LEU A 28 -5.46 -3.90 4.06
CA LEU A 28 -4.24 -3.11 4.25
C LEU A 28 -3.26 -3.84 5.16
N ASN A 29 -3.74 -4.24 6.33
CA ASN A 29 -2.90 -4.95 7.30
C ASN A 29 -2.05 -6.00 6.61
N ARG A 30 -2.69 -6.84 5.80
CA ARG A 30 -1.99 -7.89 5.08
C ARG A 30 -1.00 -7.31 4.08
N HIS A 31 -1.39 -6.22 3.43
CA HIS A 31 -0.54 -5.56 2.45
C HIS A 31 0.77 -5.13 3.09
N SER A 32 0.70 -4.61 4.31
CA SER A 32 1.89 -4.16 5.02
C SER A 32 2.89 -5.30 5.17
N MET A 33 2.44 -6.52 4.94
CA MET A 33 3.31 -7.69 5.06
C MET A 33 4.08 -7.91 3.76
N VAL A 34 3.50 -7.51 2.64
CA VAL A 34 4.14 -7.66 1.34
C VAL A 34 5.37 -6.77 1.23
N HIS A 35 5.46 -5.78 2.10
CA HIS A 35 6.59 -4.86 2.09
C HIS A 35 7.82 -5.51 2.71
N THR A 36 7.61 -6.56 3.49
CA THR A 36 8.70 -7.28 4.14
C THR A 36 8.84 -8.69 3.57
N ALA A 37 7.74 -9.22 3.05
CA ALA A 37 7.75 -10.56 2.48
C ALA A 37 8.43 -10.58 1.12
N GLU A 38 9.76 -10.56 1.13
CA GLU A 38 10.53 -10.57 -0.11
C GLU A 38 11.81 -11.39 0.06
N LYS A 39 12.08 -12.25 -0.91
CA LYS A 39 13.26 -13.10 -0.89
C LYS A 39 14.41 -12.47 -1.67
N PRO A 40 15.64 -12.81 -1.30
CA PRO A 40 16.84 -12.29 -1.95
C PRO A 40 17.02 -12.85 -3.36
N SER A 41 17.85 -12.18 -4.16
CA SER A 41 18.10 -12.60 -5.54
C SER A 41 18.38 -14.10 -5.59
N GLY A 42 19.28 -14.56 -4.73
CA GLY A 42 19.62 -15.97 -4.69
C GLY A 42 20.53 -16.31 -3.53
N PRO A 43 20.63 -17.62 -3.22
CA PRO A 43 21.47 -18.11 -2.12
C PRO A 43 22.95 -17.97 -2.41
N SER A 44 23.27 -17.38 -3.56
CA SER A 44 24.67 -17.19 -3.96
C SER A 44 25.29 -16.02 -3.19
N SER A 45 25.15 -16.05 -1.87
CA SER A 45 25.70 -15.00 -1.03
C SER A 45 27.08 -15.38 -0.52
N GLY A 46 27.90 -15.96 -1.39
CA GLY A 46 29.24 -16.36 -1.02
C GLY A 46 30.31 -15.50 -1.67
ZN ZN B . 2.20 -0.31 1.20
N GLY A 1 -18.15 24.23 -20.28
CA GLY A 1 -18.82 22.97 -20.09
C GLY A 1 -18.65 22.41 -18.69
N SER A 2 -19.36 21.33 -18.39
CA SER A 2 -19.29 20.70 -17.08
C SER A 2 -17.86 20.26 -16.77
N SER A 3 -17.09 21.15 -16.15
CA SER A 3 -15.70 20.84 -15.80
C SER A 3 -15.51 20.87 -14.29
N GLY A 4 -14.48 20.18 -13.82
CA GLY A 4 -14.20 20.14 -12.40
C GLY A 4 -12.79 19.66 -12.09
N SER A 5 -12.50 19.45 -10.82
CA SER A 5 -11.18 19.01 -10.40
C SER A 5 -11.27 18.09 -9.18
N SER A 6 -10.42 17.07 -9.12
CA SER A 6 -10.42 16.13 -8.02
C SER A 6 -10.52 16.86 -6.68
N GLY A 7 -11.03 16.15 -5.67
CA GLY A 7 -11.18 16.75 -4.36
C GLY A 7 -10.89 15.77 -3.24
N THR A 8 -11.83 15.64 -2.31
CA THR A 8 -11.68 14.73 -1.18
C THR A 8 -12.44 13.43 -1.41
N GLY A 9 -11.73 12.32 -1.39
CA GLY A 9 -12.35 11.02 -1.61
C GLY A 9 -11.40 9.87 -1.38
N GLU A 10 -10.61 9.95 -0.31
CA GLU A 10 -9.65 8.91 0.01
C GLU A 10 -10.29 7.81 0.86
N LYS A 11 -9.50 6.80 1.21
CA LYS A 11 -10.00 5.68 2.02
C LYS A 11 -9.78 5.97 3.50
N PRO A 12 -10.56 5.29 4.35
CA PRO A 12 -10.47 5.45 5.81
C PRO A 12 -9.18 4.86 6.37
N PHE A 13 -8.32 4.37 5.49
CA PHE A 13 -7.05 3.79 5.90
C PHE A 13 -5.93 4.21 4.96
N LYS A 14 -4.69 3.96 5.37
CA LYS A 14 -3.52 4.31 4.56
C LYS A 14 -2.30 3.50 4.99
N CYS A 15 -1.41 3.23 4.04
CA CYS A 15 -0.20 2.46 4.32
C CYS A 15 0.86 3.34 4.98
N ASP A 16 1.99 2.73 5.33
CA ASP A 16 3.07 3.46 5.98
C ASP A 16 4.35 3.36 5.15
N ILE A 17 4.43 2.33 4.31
CA ILE A 17 5.59 2.12 3.46
C ILE A 17 5.44 2.83 2.12
N CYS A 18 4.27 2.65 1.51
CA CYS A 18 3.98 3.27 0.21
C CYS A 18 2.79 4.21 0.30
N GLY A 19 2.16 4.24 1.48
CA GLY A 19 1.02 5.10 1.69
C GLY A 19 -0.24 4.56 1.03
N LYS A 20 -0.15 3.34 0.52
CA LYS A 20 -1.30 2.70 -0.12
C LYS A 20 -2.53 2.73 0.77
N SER A 21 -3.68 3.06 0.19
CA SER A 21 -4.93 3.14 0.93
C SER A 21 -5.75 1.86 0.74
N PHE A 22 -6.64 1.60 1.69
CA PHE A 22 -7.49 0.41 1.61
C PHE A 22 -8.82 0.66 2.32
N CYS A 23 -9.91 0.62 1.56
CA CYS A 23 -11.24 0.84 2.10
C CYS A 23 -11.44 0.06 3.39
N GLY A 24 -10.76 -1.08 3.51
CA GLY A 24 -10.87 -1.90 4.70
C GLY A 24 -9.52 -2.39 5.19
N ARG A 25 -9.19 -2.05 6.44
CA ARG A 25 -7.91 -2.45 7.02
C ARG A 25 -7.64 -3.94 6.75
N SER A 26 -8.67 -4.75 6.89
CA SER A 26 -8.54 -6.19 6.67
C SER A 26 -7.59 -6.47 5.51
N ARG A 27 -7.60 -5.60 4.51
CA ARG A 27 -6.75 -5.75 3.33
C ARG A 27 -5.39 -5.09 3.57
N LEU A 28 -5.42 -3.83 3.96
CA LEU A 28 -4.18 -3.09 4.21
C LEU A 28 -3.26 -3.87 5.14
N ASN A 29 -3.75 -4.18 6.32
CA ASN A 29 -2.97 -4.94 7.31
C ASN A 29 -2.09 -5.97 6.62
N ARG A 30 -2.71 -6.81 5.80
CA ARG A 30 -1.99 -7.87 5.08
C ARG A 30 -1.00 -7.25 4.09
N HIS A 31 -1.43 -6.18 3.43
CA HIS A 31 -0.58 -5.51 2.44
C HIS A 31 0.73 -5.05 3.08
N SER A 32 0.65 -4.57 4.31
CA SER A 32 1.83 -4.10 5.04
C SER A 32 2.82 -5.23 5.24
N MET A 33 2.37 -6.46 5.03
CA MET A 33 3.22 -7.63 5.18
C MET A 33 4.01 -7.91 3.91
N VAL A 34 3.44 -7.51 2.77
CA VAL A 34 4.10 -7.71 1.48
C VAL A 34 5.35 -6.86 1.35
N HIS A 35 5.43 -5.81 2.15
CA HIS A 35 6.58 -4.91 2.14
C HIS A 35 7.79 -5.58 2.78
N THR A 36 7.53 -6.52 3.68
CA THR A 36 8.61 -7.23 4.37
C THR A 36 8.74 -8.66 3.85
N ALA A 37 7.68 -9.17 3.25
CA ALA A 37 7.68 -10.53 2.70
C ALA A 37 8.28 -10.54 1.29
N GLU A 38 9.61 -10.53 1.23
CA GLU A 38 10.30 -10.54 -0.05
C GLU A 38 10.96 -11.90 -0.30
N LYS A 39 10.33 -12.71 -1.14
CA LYS A 39 10.85 -14.04 -1.47
C LYS A 39 11.75 -13.99 -2.70
N PRO A 40 12.81 -14.80 -2.69
CA PRO A 40 13.76 -14.86 -3.80
C PRO A 40 13.16 -15.49 -5.05
N SER A 41 11.89 -15.87 -4.96
CA SER A 41 11.19 -16.49 -6.07
C SER A 41 10.36 -15.45 -6.84
N GLY A 42 10.75 -15.19 -8.08
CA GLY A 42 10.03 -14.24 -8.90
C GLY A 42 10.46 -14.26 -10.34
N PRO A 43 9.68 -13.60 -11.22
CA PRO A 43 9.98 -13.54 -12.66
C PRO A 43 11.19 -12.68 -12.96
N SER A 44 11.54 -12.58 -14.24
CA SER A 44 12.69 -11.79 -14.66
C SER A 44 12.73 -11.67 -16.18
N SER A 45 12.52 -10.45 -16.67
CA SER A 45 12.53 -10.19 -18.11
C SER A 45 13.95 -10.25 -18.66
N GLY A 46 14.08 -10.78 -19.88
CA GLY A 46 15.39 -10.88 -20.50
C GLY A 46 15.30 -11.22 -21.98
ZN ZN B . 2.22 -0.29 1.15
N GLY A 1 6.24 21.22 0.81
CA GLY A 1 6.82 19.91 0.99
C GLY A 1 5.81 18.90 1.51
N SER A 2 5.12 19.26 2.59
CA SER A 2 4.13 18.38 3.18
C SER A 2 2.98 18.11 2.22
N SER A 3 2.98 16.92 1.63
CA SER A 3 1.95 16.54 0.67
C SER A 3 1.41 15.14 0.98
N GLY A 4 0.09 15.04 1.06
CA GLY A 4 -0.54 13.76 1.36
C GLY A 4 -2.02 13.89 1.65
N SER A 5 -2.36 14.75 2.60
CA SER A 5 -3.75 14.96 2.98
C SER A 5 -4.16 16.40 2.75
N SER A 6 -4.74 16.68 1.58
CA SER A 6 -5.17 18.03 1.24
C SER A 6 -6.06 18.01 0.00
N GLY A 7 -7.15 18.77 0.05
CA GLY A 7 -8.06 18.82 -1.07
C GLY A 7 -9.00 17.63 -1.13
N THR A 8 -8.65 16.65 -1.94
CA THR A 8 -9.47 15.44 -2.09
C THR A 8 -9.14 14.43 -1.00
N GLY A 9 -10.18 13.73 -0.52
CA GLY A 9 -9.98 12.73 0.52
C GLY A 9 -9.66 11.36 -0.05
N GLU A 10 -9.47 10.39 0.83
CA GLU A 10 -9.16 9.03 0.41
C GLU A 10 -9.79 8.01 1.36
N LYS A 11 -9.52 6.73 1.09
CA LYS A 11 -10.07 5.66 1.91
C LYS A 11 -9.85 5.94 3.39
N PRO A 12 -10.63 5.27 4.26
CA PRO A 12 -10.53 5.42 5.70
C PRO A 12 -9.24 4.83 6.27
N PHE A 13 -8.37 4.37 5.38
CA PHE A 13 -7.09 3.78 5.78
C PHE A 13 -5.98 4.19 4.83
N LYS A 14 -4.74 3.96 5.25
CA LYS A 14 -3.58 4.30 4.43
C LYS A 14 -2.35 3.52 4.88
N CYS A 15 -1.48 3.21 3.93
CA CYS A 15 -0.26 2.45 4.22
C CYS A 15 0.80 3.36 4.85
N ASP A 16 1.90 2.76 5.29
CA ASP A 16 2.98 3.50 5.91
C ASP A 16 4.26 3.39 5.07
N ILE A 17 4.34 2.35 4.25
CA ILE A 17 5.51 2.13 3.41
C ILE A 17 5.34 2.82 2.06
N CYS A 18 4.19 2.63 1.44
CA CYS A 18 3.90 3.23 0.14
C CYS A 18 2.69 4.16 0.23
N GLY A 19 2.06 4.19 1.39
CA GLY A 19 0.90 5.04 1.58
C GLY A 19 -0.35 4.47 0.94
N LYS A 20 -0.25 3.23 0.47
CA LYS A 20 -1.38 2.57 -0.19
C LYS A 20 -2.61 2.60 0.72
N SER A 21 -3.75 2.94 0.13
CA SER A 21 -5.00 3.00 0.88
C SER A 21 -5.80 1.71 0.72
N PHE A 22 -6.74 1.50 1.64
CA PHE A 22 -7.57 0.29 1.60
C PHE A 22 -8.91 0.54 2.30
N CYS A 23 -9.99 0.56 1.51
CA CYS A 23 -11.32 0.79 2.04
C CYS A 23 -11.54 -0.01 3.33
N GLY A 24 -10.76 -1.07 3.50
CA GLY A 24 -10.88 -1.91 4.67
C GLY A 24 -9.55 -2.40 5.18
N ARG A 25 -9.18 -1.99 6.39
CA ARG A 25 -7.91 -2.39 6.98
C ARG A 25 -7.64 -3.87 6.73
N SER A 26 -8.67 -4.69 6.88
CA SER A 26 -8.54 -6.13 6.67
C SER A 26 -7.57 -6.43 5.54
N ARG A 27 -7.59 -5.59 4.50
CA ARG A 27 -6.70 -5.78 3.36
C ARG A 27 -5.35 -5.12 3.62
N LEU A 28 -5.38 -3.84 3.98
CA LEU A 28 -4.15 -3.09 4.25
C LEU A 28 -3.23 -3.87 5.18
N ASN A 29 -3.74 -4.23 6.35
CA ASN A 29 -2.96 -4.99 7.33
C ASN A 29 -2.10 -6.03 6.64
N ARG A 30 -2.73 -6.86 5.81
CA ARG A 30 -2.00 -7.91 5.08
C ARG A 30 -1.01 -7.31 4.11
N HIS A 31 -1.39 -6.21 3.47
CA HIS A 31 -0.53 -5.54 2.51
C HIS A 31 0.78 -5.11 3.16
N SER A 32 0.68 -4.55 4.36
CA SER A 32 1.85 -4.10 5.10
C SER A 32 2.84 -5.24 5.30
N MET A 33 2.39 -6.47 5.04
CA MET A 33 3.23 -7.64 5.19
C MET A 33 4.05 -7.90 3.93
N VAL A 34 3.54 -7.41 2.80
CA VAL A 34 4.23 -7.59 1.52
C VAL A 34 5.44 -6.68 1.42
N HIS A 35 5.47 -5.65 2.26
CA HIS A 35 6.59 -4.70 2.27
C HIS A 35 7.80 -5.29 2.97
N THR A 36 7.58 -6.34 3.75
CA THR A 36 8.65 -7.00 4.48
C THR A 36 8.75 -8.47 4.11
N ALA A 37 8.31 -8.80 2.90
CA ALA A 37 8.36 -10.18 2.42
C ALA A 37 9.41 -10.35 1.33
N GLU A 38 10.54 -9.67 1.49
CA GLU A 38 11.62 -9.75 0.53
C GLU A 38 12.97 -9.90 1.22
N LYS A 39 13.76 -10.85 0.75
CA LYS A 39 15.08 -11.11 1.33
C LYS A 39 15.81 -9.81 1.62
N PRO A 40 16.60 -9.80 2.70
CA PRO A 40 17.38 -8.62 3.11
C PRO A 40 18.51 -8.32 2.14
N SER A 41 18.27 -7.42 1.19
CA SER A 41 19.28 -7.05 0.21
C SER A 41 20.41 -6.27 0.87
N GLY A 42 20.06 -5.12 1.46
CA GLY A 42 21.07 -4.29 2.11
C GLY A 42 20.50 -2.98 2.61
N PRO A 43 21.02 -2.49 3.74
CA PRO A 43 20.58 -1.24 4.35
C PRO A 43 20.98 -0.02 3.52
N SER A 44 20.13 0.37 2.59
CA SER A 44 20.40 1.51 1.72
C SER A 44 19.35 2.60 1.91
N SER A 45 19.68 3.81 1.50
CA SER A 45 18.76 4.95 1.63
C SER A 45 17.67 4.88 0.56
N GLY A 46 18.09 4.77 -0.69
CA GLY A 46 17.13 4.71 -1.79
C GLY A 46 17.70 4.05 -3.02
ZN ZN B . 2.14 -0.33 1.08
N GLY A 1 -5.27 1.09 -20.11
CA GLY A 1 -5.45 0.37 -18.86
C GLY A 1 -6.50 1.02 -17.97
N SER A 2 -6.07 1.99 -17.17
CA SER A 2 -6.97 2.68 -16.26
C SER A 2 -6.82 4.20 -16.38
N SER A 3 -7.88 4.86 -16.81
CA SER A 3 -7.86 6.30 -16.98
C SER A 3 -7.73 7.01 -15.64
N GLY A 4 -7.58 8.33 -15.67
CA GLY A 4 -7.45 9.10 -14.46
C GLY A 4 -8.72 9.83 -14.09
N SER A 5 -9.79 9.07 -13.89
CA SER A 5 -11.08 9.66 -13.53
C SER A 5 -12.03 8.58 -13.01
N SER A 6 -12.46 8.74 -11.76
CA SER A 6 -13.37 7.79 -11.14
C SER A 6 -14.16 8.45 -10.01
N GLY A 7 -15.28 7.83 -9.63
CA GLY A 7 -16.11 8.37 -8.57
C GLY A 7 -15.70 7.86 -7.21
N THR A 8 -14.41 8.00 -6.89
CA THR A 8 -13.89 7.56 -5.61
C THR A 8 -12.90 8.56 -5.03
N GLY A 9 -12.86 8.66 -3.71
CA GLY A 9 -11.95 9.59 -3.05
C GLY A 9 -10.91 8.89 -2.20
N GLU A 10 -10.66 9.44 -1.02
CA GLU A 10 -9.67 8.86 -0.11
C GLU A 10 -10.31 7.78 0.75
N LYS A 11 -9.50 6.79 1.13
CA LYS A 11 -9.98 5.69 1.95
C LYS A 11 -9.79 5.98 3.43
N PRO A 12 -10.58 5.32 4.29
CA PRO A 12 -10.50 5.49 5.74
C PRO A 12 -9.22 4.91 6.33
N PHE A 13 -8.35 4.44 5.46
CA PHE A 13 -7.07 3.85 5.89
C PHE A 13 -5.94 4.27 4.97
N LYS A 14 -4.71 3.99 5.39
CA LYS A 14 -3.53 4.34 4.60
C LYS A 14 -2.33 3.51 5.03
N CYS A 15 -1.42 3.26 4.09
CA CYS A 15 -0.22 2.49 4.38
C CYS A 15 0.85 3.35 5.05
N ASP A 16 1.95 2.73 5.44
CA ASP A 16 3.04 3.44 6.09
C ASP A 16 4.32 3.34 5.28
N ILE A 17 4.41 2.31 4.45
CA ILE A 17 5.57 2.10 3.61
C ILE A 17 5.44 2.81 2.27
N CYS A 18 4.29 2.64 1.63
CA CYS A 18 4.02 3.28 0.34
C CYS A 18 2.82 4.22 0.44
N GLY A 19 2.19 4.25 1.60
CA GLY A 19 1.05 5.11 1.80
C GLY A 19 -0.20 4.57 1.13
N LYS A 20 -0.13 3.34 0.64
CA LYS A 20 -1.26 2.72 -0.03
C LYS A 20 -2.51 2.76 0.84
N SER A 21 -3.63 3.12 0.23
CA SER A 21 -4.90 3.21 0.95
C SER A 21 -5.74 1.96 0.73
N PHE A 22 -6.62 1.66 1.69
CA PHE A 22 -7.48 0.49 1.60
C PHE A 22 -8.81 0.75 2.30
N CYS A 23 -9.91 0.61 1.55
CA CYS A 23 -11.24 0.83 2.11
C CYS A 23 -11.42 0.07 3.40
N GLY A 24 -10.75 -1.08 3.52
CA GLY A 24 -10.85 -1.88 4.73
C GLY A 24 -9.50 -2.35 5.22
N ARG A 25 -9.20 -2.07 6.49
CA ARG A 25 -7.93 -2.47 7.08
C ARG A 25 -7.65 -3.94 6.83
N SER A 26 -8.65 -4.78 7.03
CA SER A 26 -8.52 -6.22 6.83
C SER A 26 -7.58 -6.51 5.66
N ARG A 27 -7.60 -5.63 4.66
CA ARG A 27 -6.75 -5.80 3.49
C ARG A 27 -5.41 -5.12 3.69
N LEU A 28 -5.44 -3.83 4.03
CA LEU A 28 -4.22 -3.07 4.25
C LEU A 28 -3.26 -3.83 5.17
N ASN A 29 -3.73 -4.17 6.36
CA ASN A 29 -2.91 -4.91 7.31
C ASN A 29 -2.05 -5.96 6.61
N ARG A 30 -2.70 -6.79 5.80
CA ARG A 30 -2.00 -7.84 5.07
C ARG A 30 -1.01 -7.25 4.07
N HIS A 31 -1.42 -6.17 3.41
CA HIS A 31 -0.58 -5.50 2.42
C HIS A 31 0.75 -5.08 3.06
N SER A 32 0.68 -4.56 4.28
CA SER A 32 1.87 -4.11 4.99
C SER A 32 2.87 -5.25 5.15
N MET A 33 2.41 -6.48 4.90
CA MET A 33 3.26 -7.65 5.02
C MET A 33 4.02 -7.91 3.72
N VAL A 34 3.40 -7.54 2.61
CA VAL A 34 4.02 -7.72 1.30
C VAL A 34 5.28 -6.88 1.16
N HIS A 35 5.37 -5.83 1.95
CA HIS A 35 6.54 -4.95 1.92
C HIS A 35 7.77 -5.65 2.47
N THR A 36 7.55 -6.61 3.37
CA THR A 36 8.64 -7.35 3.98
C THR A 36 8.71 -8.78 3.43
N ALA A 37 7.58 -9.27 2.94
CA ALA A 37 7.51 -10.61 2.38
C ALA A 37 7.84 -10.61 0.90
N GLU A 38 8.80 -9.77 0.51
CA GLU A 38 9.20 -9.68 -0.89
C GLU A 38 10.72 -9.67 -1.01
N LYS A 39 11.23 -10.39 -2.01
CA LYS A 39 12.67 -10.47 -2.23
C LYS A 39 13.05 -9.82 -3.56
N PRO A 40 14.23 -9.17 -3.58
CA PRO A 40 14.74 -8.50 -4.78
C PRO A 40 15.14 -9.48 -5.88
N SER A 41 15.26 -8.97 -7.10
CA SER A 41 15.64 -9.82 -8.23
C SER A 41 17.12 -9.65 -8.55
N GLY A 42 17.94 -9.62 -7.52
CA GLY A 42 19.38 -9.48 -7.70
C GLY A 42 19.74 -8.26 -8.54
N PRO A 43 20.99 -8.20 -9.01
CA PRO A 43 21.48 -7.08 -9.82
C PRO A 43 20.86 -7.07 -11.22
N SER A 44 20.13 -6.00 -11.51
CA SER A 44 19.47 -5.86 -12.81
C SER A 44 19.69 -4.46 -13.37
N SER A 45 19.50 -4.33 -14.69
CA SER A 45 19.67 -3.05 -15.36
C SER A 45 18.43 -2.66 -16.14
N GLY A 46 17.94 -3.59 -16.97
CA GLY A 46 16.76 -3.34 -17.76
C GLY A 46 15.49 -3.38 -16.93
ZN ZN B . 2.22 -0.27 1.22
N GLY A 1 6.03 21.14 1.28
CA GLY A 1 4.93 22.09 1.21
C GLY A 1 3.91 21.88 2.32
N SER A 2 3.37 22.98 2.83
CA SER A 2 2.38 22.90 3.91
C SER A 2 1.17 22.09 3.48
N SER A 3 0.70 21.22 4.37
CA SER A 3 -0.45 20.37 4.09
C SER A 3 -1.60 20.67 5.04
N GLY A 4 -2.77 20.12 4.73
CA GLY A 4 -3.94 20.34 5.57
C GLY A 4 -4.46 19.06 6.18
N SER A 5 -5.70 18.71 5.86
CA SER A 5 -6.32 17.51 6.38
C SER A 5 -7.50 17.07 5.49
N SER A 6 -7.35 15.89 4.89
CA SER A 6 -8.39 15.36 4.01
C SER A 6 -9.58 14.85 4.83
N GLY A 7 -10.78 15.23 4.40
CA GLY A 7 -11.98 14.81 5.10
C GLY A 7 -12.75 13.74 4.34
N THR A 8 -13.18 14.06 3.13
CA THR A 8 -13.92 13.11 2.31
C THR A 8 -13.31 12.99 0.91
N GLY A 9 -12.70 11.85 0.63
CA GLY A 9 -12.09 11.63 -0.67
C GLY A 9 -11.27 10.36 -0.72
N GLU A 10 -10.33 10.22 0.20
CA GLU A 10 -9.48 9.04 0.26
C GLU A 10 -10.08 7.98 1.18
N LYS A 11 -9.55 6.76 1.09
CA LYS A 11 -10.03 5.65 1.91
C LYS A 11 -9.82 5.95 3.39
N PRO A 12 -10.61 5.27 4.24
CA PRO A 12 -10.52 5.43 5.70
C PRO A 12 -9.23 4.85 6.27
N PHE A 13 -8.36 4.37 5.39
CA PHE A 13 -7.09 3.79 5.81
C PHE A 13 -5.96 4.21 4.87
N LYS A 14 -4.73 3.98 5.30
CA LYS A 14 -3.56 4.32 4.49
C LYS A 14 -2.34 3.53 4.93
N CYS A 15 -1.44 3.26 3.99
CA CYS A 15 -0.22 2.51 4.28
C CYS A 15 0.83 3.40 4.92
N ASP A 16 1.94 2.79 5.35
CA ASP A 16 3.02 3.53 5.98
C ASP A 16 4.31 3.41 5.17
N ILE A 17 4.38 2.37 4.34
CA ILE A 17 5.56 2.15 3.51
C ILE A 17 5.42 2.85 2.16
N CYS A 18 4.27 2.67 1.53
CA CYS A 18 4.00 3.28 0.23
C CYS A 18 2.81 4.22 0.31
N GLY A 19 2.15 4.25 1.47
CA GLY A 19 1.00 5.11 1.66
C GLY A 19 -0.25 4.56 0.99
N LYS A 20 -0.17 3.31 0.51
CA LYS A 20 -1.30 2.68 -0.15
C LYS A 20 -2.54 2.71 0.73
N SER A 21 -3.68 3.05 0.14
CA SER A 21 -4.93 3.12 0.87
C SER A 21 -5.75 1.85 0.67
N PHE A 22 -6.66 1.59 1.62
CA PHE A 22 -7.51 0.40 1.55
C PHE A 22 -8.83 0.65 2.25
N CYS A 23 -9.92 0.57 1.49
CA CYS A 23 -11.25 0.79 2.05
C CYS A 23 -11.43 0.03 3.35
N GLY A 24 -10.76 -1.12 3.46
CA GLY A 24 -10.86 -1.92 4.67
C GLY A 24 -9.51 -2.37 5.18
N ARG A 25 -9.24 -2.12 6.46
CA ARG A 25 -7.96 -2.49 7.06
C ARG A 25 -7.66 -3.96 6.81
N SER A 26 -8.65 -4.82 7.04
CA SER A 26 -8.49 -6.26 6.84
C SER A 26 -7.58 -6.54 5.64
N ARG A 27 -7.64 -5.66 4.65
CA ARG A 27 -6.82 -5.80 3.44
C ARG A 27 -5.46 -5.14 3.62
N LEU A 28 -5.47 -3.87 3.99
CA LEU A 28 -4.23 -3.11 4.20
C LEU A 28 -3.28 -3.87 5.10
N ASN A 29 -3.74 -4.17 6.31
CA ASN A 29 -2.93 -4.90 7.29
C ASN A 29 -2.07 -5.94 6.59
N ARG A 30 -2.70 -6.79 5.77
CA ARG A 30 -1.99 -7.83 5.06
C ARG A 30 -0.97 -7.23 4.09
N HIS A 31 -1.37 -6.15 3.41
CA HIS A 31 -0.49 -5.48 2.46
C HIS A 31 0.81 -5.05 3.13
N SER A 32 0.70 -4.55 4.35
CA SER A 32 1.87 -4.08 5.09
C SER A 32 2.86 -5.23 5.29
N MET A 33 2.42 -6.45 5.04
CA MET A 33 3.26 -7.63 5.20
C MET A 33 4.03 -7.91 3.91
N VAL A 34 3.44 -7.54 2.78
CA VAL A 34 4.07 -7.76 1.48
C VAL A 34 5.33 -6.91 1.33
N HIS A 35 5.43 -5.87 2.15
CA HIS A 35 6.58 -4.97 2.10
C HIS A 35 7.82 -5.65 2.69
N THR A 36 7.59 -6.61 3.59
CA THR A 36 8.68 -7.33 4.23
C THR A 36 8.77 -8.77 3.72
N ALA A 37 8.32 -8.98 2.49
CA ALA A 37 8.35 -10.31 1.89
C ALA A 37 9.47 -10.42 0.87
N GLU A 38 10.62 -9.82 1.18
CA GLU A 38 11.77 -9.87 0.29
C GLU A 38 13.07 -9.86 1.08
N LYS A 39 14.03 -10.66 0.64
CA LYS A 39 15.33 -10.75 1.31
C LYS A 39 15.82 -9.36 1.70
N PRO A 40 16.59 -9.30 2.81
CA PRO A 40 17.15 -8.05 3.32
C PRO A 40 18.24 -7.48 2.42
N SER A 41 18.48 -8.17 1.30
CA SER A 41 19.50 -7.74 0.34
C SER A 41 19.23 -6.32 -0.15
N GLY A 42 20.16 -5.78 -0.94
CA GLY A 42 20.00 -4.44 -1.47
C GLY A 42 20.88 -4.18 -2.67
N PRO A 43 20.38 -3.39 -3.62
CA PRO A 43 21.12 -3.04 -4.84
C PRO A 43 22.30 -2.12 -4.56
N SER A 44 23.50 -2.59 -4.86
CA SER A 44 24.72 -1.81 -4.65
C SER A 44 25.15 -1.11 -5.93
N SER A 45 25.91 -0.03 -5.78
CA SER A 45 26.38 0.74 -6.93
C SER A 45 27.89 0.99 -6.81
N GLY A 46 28.64 0.53 -7.80
CA GLY A 46 30.08 0.72 -7.80
C GLY A 46 30.80 -0.34 -6.98
ZN ZN B . 2.21 -0.27 1.14
N GLY A 1 4.28 -1.58 -11.16
CA GLY A 1 4.19 -0.20 -10.72
C GLY A 1 2.93 0.49 -11.24
N SER A 2 3.09 1.25 -12.31
CA SER A 2 1.97 1.96 -12.90
C SER A 2 1.07 2.55 -11.83
N SER A 3 1.69 3.11 -10.79
CA SER A 3 0.94 3.70 -9.68
C SER A 3 0.51 5.13 -10.03
N GLY A 4 0.08 5.33 -11.27
CA GLY A 4 -0.35 6.64 -11.71
C GLY A 4 -1.14 7.38 -10.63
N SER A 5 -1.12 8.70 -10.69
CA SER A 5 -1.83 9.52 -9.71
C SER A 5 -3.31 9.65 -10.09
N SER A 6 -3.94 8.53 -10.40
CA SER A 6 -5.34 8.51 -10.78
C SER A 6 -6.20 7.93 -9.65
N GLY A 7 -7.30 8.60 -9.35
CA GLY A 7 -8.19 8.15 -8.30
C GLY A 7 -8.71 9.28 -7.44
N THR A 8 -10.03 9.40 -7.34
CA THR A 8 -10.64 10.44 -6.54
C THR A 8 -11.00 9.93 -5.15
N GLY A 9 -11.25 10.87 -4.24
CA GLY A 9 -11.60 10.50 -2.88
C GLY A 9 -10.52 9.67 -2.20
N GLU A 10 -10.54 9.66 -0.87
CA GLU A 10 -9.55 8.90 -0.10
C GLU A 10 -10.23 7.83 0.75
N LYS A 11 -9.48 6.79 1.09
CA LYS A 11 -10.00 5.70 1.89
C LYS A 11 -9.80 5.99 3.38
N PRO A 12 -10.60 5.33 4.23
CA PRO A 12 -10.53 5.49 5.68
C PRO A 12 -9.26 4.89 6.27
N PHE A 13 -8.38 4.41 5.40
CA PHE A 13 -7.12 3.82 5.84
C PHE A 13 -5.98 4.21 4.91
N LYS A 14 -4.75 3.99 5.36
CA LYS A 14 -3.57 4.34 4.59
C LYS A 14 -2.36 3.51 5.03
N CYS A 15 -1.45 3.26 4.10
CA CYS A 15 -0.25 2.48 4.39
C CYS A 15 0.80 3.35 5.08
N ASP A 16 1.91 2.73 5.46
CA ASP A 16 3.00 3.44 6.13
C ASP A 16 4.28 3.37 5.31
N ILE A 17 4.38 2.35 4.46
CA ILE A 17 5.55 2.16 3.62
C ILE A 17 5.40 2.88 2.28
N CYS A 18 4.25 2.67 1.63
CA CYS A 18 3.98 3.30 0.35
C CYS A 18 2.78 4.23 0.45
N GLY A 19 2.15 4.26 1.63
CA GLY A 19 0.99 5.12 1.83
C GLY A 19 -0.25 4.58 1.15
N LYS A 20 -0.16 3.35 0.65
CA LYS A 20 -1.28 2.72 -0.03
C LYS A 20 -2.54 2.75 0.84
N SER A 21 -3.67 3.09 0.24
CA SER A 21 -4.94 3.17 0.95
C SER A 21 -5.75 1.89 0.75
N PHE A 22 -6.65 1.63 1.69
CA PHE A 22 -7.50 0.44 1.61
C PHE A 22 -8.83 0.67 2.30
N CYS A 23 -9.91 0.61 1.52
CA CYS A 23 -11.25 0.82 2.07
C CYS A 23 -11.43 0.08 3.38
N GLY A 24 -10.70 -1.03 3.54
CA GLY A 24 -10.80 -1.82 4.75
C GLY A 24 -9.45 -2.30 5.24
N ARG A 25 -9.12 -1.97 6.47
CA ARG A 25 -7.85 -2.38 7.06
C ARG A 25 -7.59 -3.87 6.84
N SER A 26 -8.62 -4.67 7.09
CA SER A 26 -8.51 -6.12 6.93
C SER A 26 -7.59 -6.46 5.76
N ARG A 27 -7.60 -5.62 4.74
CA ARG A 27 -6.77 -5.83 3.55
C ARG A 27 -5.43 -5.13 3.70
N LEU A 28 -5.46 -3.86 4.07
CA LEU A 28 -4.24 -3.09 4.25
C LEU A 28 -3.25 -3.81 5.17
N ASN A 29 -3.74 -4.22 6.33
CA ASN A 29 -2.91 -4.93 7.30
C ASN A 29 -2.06 -5.99 6.60
N ARG A 30 -2.71 -6.81 5.78
CA ARG A 30 -2.01 -7.88 5.06
C ARG A 30 -1.01 -7.29 4.07
N HIS A 31 -1.40 -6.21 3.42
CA HIS A 31 -0.54 -5.55 2.44
C HIS A 31 0.79 -5.15 3.07
N SER A 32 0.72 -4.63 4.30
CA SER A 32 1.92 -4.21 5.01
C SER A 32 2.91 -5.36 5.14
N MET A 33 2.45 -6.57 4.87
CA MET A 33 3.30 -7.75 4.96
C MET A 33 4.06 -7.98 3.65
N VAL A 34 3.45 -7.55 2.55
CA VAL A 34 4.07 -7.70 1.23
C VAL A 34 5.32 -6.84 1.11
N HIS A 35 5.42 -5.82 1.96
CA HIS A 35 6.57 -4.93 1.94
C HIS A 35 7.81 -5.62 2.48
N THR A 36 7.61 -6.65 3.30
CA THR A 36 8.71 -7.40 3.89
C THR A 36 8.86 -8.76 3.23
N ALA A 37 7.76 -9.26 2.67
CA ALA A 37 7.77 -10.56 1.99
C ALA A 37 8.32 -10.44 0.58
N GLU A 38 9.64 -10.43 0.46
CA GLU A 38 10.29 -10.32 -0.84
C GLU A 38 9.93 -11.51 -1.73
N LYS A 39 9.17 -11.23 -2.78
CA LYS A 39 8.74 -12.28 -3.71
C LYS A 39 9.87 -12.64 -4.66
N PRO A 40 9.86 -13.88 -5.16
CA PRO A 40 10.87 -14.38 -6.09
C PRO A 40 10.76 -13.74 -7.47
N SER A 41 11.64 -12.78 -7.73
CA SER A 41 11.65 -12.07 -9.02
C SER A 41 12.97 -11.36 -9.24
N GLY A 42 13.24 -11.00 -10.49
CA GLY A 42 14.47 -10.31 -10.81
C GLY A 42 14.23 -8.97 -11.49
N PRO A 43 15.33 -8.30 -11.89
CA PRO A 43 15.25 -7.00 -12.56
C PRO A 43 14.67 -7.10 -13.96
N SER A 44 14.67 -5.98 -14.68
CA SER A 44 14.14 -5.93 -16.04
C SER A 44 15.23 -6.28 -17.05
N SER A 45 16.28 -5.48 -17.08
CA SER A 45 17.39 -5.70 -18.01
C SER A 45 18.10 -7.02 -17.70
N GLY A 46 17.97 -7.98 -18.62
CA GLY A 46 18.59 -9.28 -18.43
C GLY A 46 17.68 -10.42 -18.80
ZN ZN B . 2.22 -0.28 1.25
#